data_6MYO
#
_entry.id   6MYO
#
_cell.length_a   69.637
_cell.length_b   83.783
_cell.length_c   289.575
_cell.angle_alpha   90.00
_cell.angle_beta   90.00
_cell.angle_gamma   90.00
#
_symmetry.space_group_name_H-M   'P 21 21 21'
#
loop_
_entity.id
_entity.type
_entity.pdbx_description
1 polymer 'Succinate dehydrogenase [ubiquinone] flavoprotein subunit, mitochondrial'
2 polymer 'Succinate dehydrogenase [ubiquinone] iron-sulfur subunit, mitochondrial'
3 polymer 'Succinate dehydrogenase cytochrome b, large subunit'
4 polymer 'Succinate dehydrogenase [ubiquinone] cytochrome b small subunit, mitochondrial'
5 non-polymer 'FLAVIN-ADENINE DINUCLEOTIDE'
6 non-polymer 'OXALOACETATE ION'
7 non-polymer 'POTASSIUM ION'
8 non-polymer 'MANGANESE (II) ION'
9 non-polymer DI(HYDROXYETHYL)ETHER
10 non-polymer 'UNKNOWN LIGAND'
11 non-polymer 'FE2/S2 (INORGANIC) CLUSTER'
12 non-polymer 'IRON/SULFUR CLUSTER'
13 non-polymer 'FE3-S4 CLUSTER'
14 non-polymer N-[3-(1-methylethoxy)phenyl]-2-(trifluoromethyl)benzamide
15 non-polymer 'PROTOPORPHYRIN IX CONTAINING FE'
16 non-polymer UNDECYL-MALTOSIDE
17 non-polymer 1,2-Distearoyl-sn-glycerophosphoethanolamine
18 water water
#
loop_
_entity_poly.entity_id
_entity_poly.type
_entity_poly.pdbx_seq_one_letter_code
_entity_poly.pdbx_strand_id
1 'polypeptide(L)'
;STKVSDSISTQYPVVDHEFDAVVVGAGGAGLRAAFGLSEAGFNTACVTKLFPTRSHTVAAQGGINAALGNMEDDNWRWHF
YDTVKGSDWLGDQDAIHYMTEQAPAAVIELENYGMPFSRTEEGKIYQRAFGGQSLQFGKGGQAHRCCCVADRTGHSLLHT
LYGRSLRYDTSYFVEYFALDLLMENGECRGVIALCIEDGTIHRFRAKNTVIATGGYGRTYFSCTSAHTSTGDGTAMVTRA
GLPCQDLEFVQFHPTGIYGAGCLITEGCRGEGGILINSQGERFMERYAPVAKDLASRDVVSRSMTIEIREGRGCGPEKDH
VYLQLHHLPPQQLATRLPGISETAMIFAGVDVTKEPIPVLPTVHYNMGGIPTNYKGQVITHVNGEDKVVPGLYACGEAAS
ASVHGANRLGANSLLDLVVFGRACALTIAETCKPGEPVPSIKPNAGEESVANLDKLRFADGTIRTSEARLNMQKTMQSHA
AVFRTGSILQEGCEKLSQIYRDLAHLKTFDRGIVWNTDLVETLELQNLMLCALQTIYGAEARKESRGAHAREDYKLRIDE
FDYSKPLQGQQKRPFEEHWRKHTLSYVDVKSGKVTLKYRPVIDRTLNEEDCSSVPPAIRSY
;
A
2 'polypeptide(L)'
;AQTAAAATSRIKKFSIYRWDPDKPGDKPRMQTYEVDLNKCGPMVLDALIKIKNELDSTLTFRRSCREGICGSCAMNIAGG
NTLACTKKIDPDLSKTTKIYPLPHMYVVKDLVPDLSNFYAQYKSIEPYLKKKDESKQGKEQYLQSIEDRQKLDGLYECIL
CACCSTSCPSYWWNGDKYLGPAVLMQAYRWMIDSRDDYTEERLAQLQDPFSLYRCHTIMNCTRTCPKGLNPGKAIAEIKK
MMATYKEKAAAA
;
B
3 'polypeptide(L)'
;MATTAKEEMARFWE(MLZ)NTKSSRPLSPHISIYKWSLPMAMSITHRGTGVALSLGVSLFSLAALLLPEQFPHYVAVVKS
LSLSPALIYSAKFALVFPLSYHTWNGIRHLVWDMGKGFKLSQVEQSGVVVLILTLLSSAAIAAM
;
C
4 'polypeptide(L)'
;GSSKAASLHWTSERAVSALLLGLLPAAYLYPGPAVDYSLAAALTLHGHWGLGQVITDYVHGDTPIKVANTGLYVLSAITF
TGLCYFNYYDVGICKAVAMLWSI
;
D
#
# COMPACT_ATOMS: atom_id res chain seq x y z
N THR A 10 -19.45 -12.47 -29.53
CA THR A 10 -18.27 -13.17 -29.02
C THR A 10 -18.62 -14.17 -27.91
N GLN A 11 -17.68 -15.08 -27.64
CA GLN A 11 -17.76 -16.11 -26.60
C GLN A 11 -17.48 -15.53 -25.22
N TYR A 12 -17.68 -14.22 -25.07
CA TYR A 12 -17.49 -13.56 -23.80
C TYR A 12 -18.83 -13.01 -23.35
N PRO A 13 -19.30 -13.37 -22.16
CA PRO A 13 -20.53 -12.79 -21.64
C PRO A 13 -20.35 -11.31 -21.32
N VAL A 14 -21.03 -10.44 -22.06
CA VAL A 14 -20.86 -9.00 -21.88
C VAL A 14 -21.90 -8.49 -20.89
N VAL A 15 -21.43 -7.88 -19.80
CA VAL A 15 -22.30 -7.33 -18.75
C VAL A 15 -22.37 -5.81 -18.94
N ASP A 16 -23.60 -5.29 -19.08
CA ASP A 16 -23.82 -3.86 -19.27
C ASP A 16 -24.17 -3.21 -17.93
N HIS A 17 -23.53 -2.08 -17.63
CA HIS A 17 -23.88 -1.22 -16.52
C HIS A 17 -24.25 0.16 -17.01
N GLU A 18 -24.99 0.90 -16.18
CA GLU A 18 -25.40 2.27 -16.50
C GLU A 18 -25.21 3.13 -15.24
N PHE A 19 -24.40 4.18 -15.37
CA PHE A 19 -24.11 5.10 -14.28
C PHE A 19 -24.29 6.53 -14.79
N ASP A 20 -24.30 7.49 -13.87
CA ASP A 20 -24.19 8.89 -14.27
C ASP A 20 -22.79 9.18 -14.79
N ALA A 21 -21.78 8.81 -14.02
CA ALA A 21 -20.38 9.02 -14.32
C ALA A 21 -19.61 7.73 -14.09
N VAL A 22 -18.48 7.60 -14.78
N VAL A 22 -18.50 7.56 -14.82
CA VAL A 22 -17.56 6.48 -14.63
CA VAL A 22 -17.58 6.46 -14.58
C VAL A 22 -16.15 7.04 -14.51
C VAL A 22 -16.17 7.04 -14.49
N VAL A 23 -15.45 6.70 -13.44
CA VAL A 23 -14.08 7.13 -13.22
C VAL A 23 -13.18 5.92 -13.43
N VAL A 24 -12.22 6.05 -14.36
CA VAL A 24 -11.23 5.01 -14.61
C VAL A 24 -9.96 5.44 -13.90
N GLY A 25 -9.66 4.80 -12.77
CA GLY A 25 -8.46 5.08 -12.01
C GLY A 25 -8.80 5.37 -10.57
N ALA A 26 -7.96 4.94 -9.64
CA ALA A 26 -8.23 5.11 -8.21
C ALA A 26 -6.96 5.49 -7.46
N GLY A 27 -6.13 6.30 -8.10
CA GLY A 27 -5.04 6.99 -7.44
C GLY A 27 -5.59 8.23 -6.75
N GLY A 28 -4.70 9.18 -6.48
CA GLY A 28 -5.16 10.45 -5.92
C GLY A 28 -6.23 11.11 -6.77
N ALA A 29 -5.96 11.26 -8.07
CA ALA A 29 -6.89 11.92 -8.97
C ALA A 29 -8.25 11.20 -9.00
N GLY A 30 -8.24 9.92 -9.33
CA GLY A 30 -9.50 9.23 -9.54
C GLY A 30 -10.34 9.11 -8.28
N LEU A 31 -9.70 8.85 -7.14
CA LEU A 31 -10.43 8.80 -5.89
C LEU A 31 -11.12 10.14 -5.61
N ARG A 32 -10.38 11.25 -5.74
CA ARG A 32 -10.96 12.57 -5.44
C ARG A 32 -12.08 12.93 -6.43
N ALA A 33 -11.94 12.54 -7.70
CA ALA A 33 -13.03 12.77 -8.64
C ALA A 33 -14.21 11.84 -8.36
N ALA A 34 -13.94 10.57 -8.02
CA ALA A 34 -15.02 9.59 -7.91
C ALA A 34 -15.99 9.94 -6.79
N PHE A 35 -15.48 10.19 -5.56
CA PHE A 35 -16.43 10.49 -4.49
C PHE A 35 -16.88 11.94 -4.49
N GLY A 36 -16.09 12.85 -5.08
CA GLY A 36 -16.61 14.18 -5.35
C GLY A 36 -17.89 14.12 -6.15
N LEU A 37 -17.97 13.18 -7.10
CA LEU A 37 -19.17 13.05 -7.92
C LEU A 37 -20.33 12.48 -7.11
N SER A 38 -20.06 11.43 -6.32
CA SER A 38 -21.10 10.88 -5.44
C SER A 38 -21.55 11.93 -4.43
N GLU A 39 -20.60 12.60 -3.79
CA GLU A 39 -20.89 13.75 -2.94
C GLU A 39 -21.82 14.74 -3.63
N ALA A 40 -21.64 14.96 -4.92
CA ALA A 40 -22.54 15.84 -5.68
C ALA A 40 -23.83 15.15 -6.05
N GLY A 41 -24.06 13.93 -5.55
CA GLY A 41 -25.28 13.20 -5.83
C GLY A 41 -25.29 12.39 -7.11
N PHE A 42 -24.15 12.20 -7.78
CA PHE A 42 -24.09 11.43 -9.02
C PHE A 42 -23.82 9.97 -8.72
N ASN A 43 -24.62 9.09 -9.34
CA ASN A 43 -24.39 7.66 -9.20
C ASN A 43 -23.15 7.29 -10.00
N THR A 44 -22.05 7.03 -9.30
CA THR A 44 -20.73 6.97 -9.91
C THR A 44 -20.13 5.58 -9.79
N ALA A 45 -19.41 5.16 -10.83
CA ALA A 45 -18.62 3.95 -10.82
C ALA A 45 -17.13 4.32 -10.87
N CYS A 46 -16.32 3.71 -10.01
CA CYS A 46 -14.86 3.83 -10.10
C CYS A 46 -14.30 2.48 -10.57
N VAL A 47 -13.72 2.48 -11.77
CA VAL A 47 -13.15 1.29 -12.40
C VAL A 47 -11.63 1.38 -12.27
N THR A 48 -11.03 0.42 -11.58
CA THR A 48 -9.59 0.45 -11.39
C THR A 48 -9.00 -0.96 -11.54
N LYS A 49 -7.82 -1.03 -12.14
CA LYS A 49 -7.18 -2.33 -12.39
C LYS A 49 -6.41 -2.82 -11.17
N LEU A 50 -6.11 -1.92 -10.23
CA LEU A 50 -5.46 -2.24 -8.97
C LEU A 50 -6.42 -1.94 -7.83
N PHE A 51 -6.24 -2.63 -6.72
CA PHE A 51 -6.91 -2.16 -5.52
C PHE A 51 -6.43 -0.73 -5.22
N PRO A 52 -7.34 0.19 -4.87
CA PRO A 52 -6.97 1.63 -4.87
C PRO A 52 -5.68 1.99 -4.15
N THR A 53 -5.36 1.40 -3.00
CA THR A 53 -4.16 1.82 -2.28
C THR A 53 -2.88 1.19 -2.82
N ARG A 54 -2.94 0.30 -3.81
CA ARG A 54 -1.70 -0.08 -4.47
C ARG A 54 -1.26 0.91 -5.55
N SER A 55 -2.07 1.94 -5.87
CA SER A 55 -1.77 2.86 -6.97
C SER A 55 -0.46 3.61 -6.74
N HIS A 56 0.20 4.00 -7.82
CA HIS A 56 1.52 4.63 -7.69
C HIS A 56 1.52 5.87 -6.78
N THR A 57 0.39 6.57 -6.67
CA THR A 57 0.30 7.68 -5.70
C THR A 57 0.82 7.25 -4.31
N VAL A 58 0.56 5.99 -3.91
CA VAL A 58 0.97 5.50 -2.60
C VAL A 58 2.48 5.62 -2.39
N ALA A 59 3.27 5.57 -3.47
CA ALA A 59 4.71 5.62 -3.41
C ALA A 59 5.26 7.03 -3.29
N ALA A 60 4.40 8.05 -3.28
CA ALA A 60 4.88 9.41 -3.30
C ALA A 60 5.37 9.84 -1.92
N GLN A 61 6.46 10.61 -1.90
CA GLN A 61 7.23 10.84 -0.67
C GLN A 61 7.26 12.30 -0.22
N GLY A 62 7.79 13.21 -1.04
CA GLY A 62 8.26 14.49 -0.52
C GLY A 62 7.19 15.45 -0.03
N GLY A 63 6.03 15.49 -0.70
CA GLY A 63 4.93 16.30 -0.19
C GLY A 63 4.04 16.89 -1.28
N ILE A 64 3.21 17.85 -0.87
CA ILE A 64 2.23 18.50 -1.73
C ILE A 64 2.23 20.00 -1.45
N ASN A 65 2.44 20.81 -2.49
CA ASN A 65 2.63 22.25 -2.33
C ASN A 65 1.33 22.99 -2.05
N ALA A 66 1.39 23.91 -1.10
CA ALA A 66 0.28 24.81 -0.81
C ALA A 66 0.86 26.01 -0.10
N ALA A 67 0.47 27.20 -0.55
CA ALA A 67 0.93 28.45 0.06
C ALA A 67 0.10 28.73 1.31
N LEU A 68 0.27 27.86 2.32
CA LEU A 68 -0.46 27.98 3.58
C LEU A 68 0.12 29.04 4.51
N GLY A 69 1.37 29.45 4.28
CA GLY A 69 2.03 30.37 5.17
C GLY A 69 2.34 29.85 6.56
N ASN A 70 2.59 28.55 6.69
CA ASN A 70 2.85 27.96 8.02
C ASN A 70 4.29 28.13 8.48
N MET A 71 5.22 28.37 7.56
CA MET A 71 6.63 28.48 7.91
C MET A 71 7.18 29.87 7.66
N GLU A 72 6.41 30.71 6.97
CA GLU A 72 6.75 32.09 6.65
C GLU A 72 5.53 32.66 5.94
N ASP A 73 5.53 33.97 5.75
CA ASP A 73 4.47 34.58 4.96
C ASP A 73 4.60 34.15 3.51
N ASP A 74 3.51 33.62 2.95
CA ASP A 74 3.49 33.13 1.58
C ASP A 74 2.38 33.84 0.82
N ASN A 75 2.23 33.44 -0.45
CA ASN A 75 1.28 34.03 -1.38
C ASN A 75 1.14 33.06 -2.55
N TRP A 76 -0.09 32.57 -2.80
CA TRP A 76 -0.30 31.59 -3.85
C TRP A 76 0.13 32.10 -5.22
N ARG A 77 0.21 33.41 -5.42
CA ARG A 77 0.69 33.89 -6.70
C ARG A 77 2.20 33.70 -6.85
N TRP A 78 2.95 33.58 -5.74
CA TRP A 78 4.36 33.22 -5.83
C TRP A 78 4.53 31.77 -6.27
N HIS A 79 3.68 30.88 -5.75
CA HIS A 79 3.62 29.49 -6.22
C HIS A 79 3.19 29.43 -7.69
N PHE A 80 2.20 30.24 -8.07
CA PHE A 80 1.85 30.43 -9.47
C PHE A 80 3.08 30.73 -10.32
N TYR A 81 3.84 31.76 -9.92
CA TYR A 81 4.99 32.19 -10.72
C TYR A 81 6.03 31.08 -10.80
N ASP A 82 6.34 30.44 -9.67
CA ASP A 82 7.28 29.32 -9.66
C ASP A 82 6.88 28.25 -10.65
N THR A 83 5.57 27.94 -10.72
CA THR A 83 5.11 26.87 -11.59
C THR A 83 5.18 27.28 -13.07
N VAL A 84 4.77 28.52 -13.37
CA VAL A 84 4.89 29.05 -14.74
C VAL A 84 6.35 29.06 -15.19
N LYS A 85 7.24 29.61 -14.37
CA LYS A 85 8.66 29.61 -14.75
C LYS A 85 9.19 28.18 -14.78
N GLY A 86 8.71 27.33 -13.86
CA GLY A 86 9.13 25.93 -13.85
C GLY A 86 8.72 25.22 -15.12
N SER A 87 7.49 25.47 -15.60
CA SER A 87 7.01 24.87 -16.83
C SER A 87 7.76 25.36 -18.06
N ASP A 88 8.53 26.44 -17.93
CA ASP A 88 9.30 26.97 -19.04
C ASP A 88 8.36 27.41 -20.15
N TRP A 89 7.22 27.99 -19.75
CA TRP A 89 6.28 28.69 -20.61
C TRP A 89 5.65 27.79 -21.69
N LEU A 90 5.69 26.47 -21.47
CA LEU A 90 4.77 25.55 -22.12
C LEU A 90 3.55 25.24 -21.25
N GLY A 91 3.54 25.73 -20.02
CA GLY A 91 2.38 25.53 -19.18
C GLY A 91 1.27 26.50 -19.50
N ASP A 92 0.04 26.03 -19.34
CA ASP A 92 -1.15 26.85 -19.52
C ASP A 92 -1.43 27.65 -18.24
N GLN A 93 -1.34 28.97 -18.33
CA GLN A 93 -1.34 29.76 -17.11
C GLN A 93 -2.72 29.83 -16.47
N ASP A 94 -3.79 29.57 -17.23
CA ASP A 94 -5.12 29.52 -16.61
C ASP A 94 -5.25 28.28 -15.73
N ALA A 95 -4.80 27.12 -16.23
CA ALA A 95 -4.79 25.91 -15.40
C ALA A 95 -3.87 26.09 -14.20
N ILE A 96 -2.71 26.70 -14.39
CA ILE A 96 -1.75 26.93 -13.31
C ILE A 96 -2.30 27.91 -12.29
N HIS A 97 -3.00 28.95 -12.77
CA HIS A 97 -3.73 29.84 -11.87
C HIS A 97 -4.69 29.04 -11.00
N TYR A 98 -5.51 28.19 -11.63
CA TYR A 98 -6.49 27.43 -10.86
C TYR A 98 -5.81 26.49 -9.88
N MET A 99 -4.70 25.87 -10.28
CA MET A 99 -4.07 24.86 -9.43
C MET A 99 -3.40 25.49 -8.22
N THR A 100 -2.73 26.63 -8.40
CA THR A 100 -2.04 27.23 -7.26
C THR A 100 -2.98 28.04 -6.38
N GLU A 101 -4.06 28.60 -6.93
CA GLU A 101 -5.02 29.29 -6.06
C GLU A 101 -5.81 28.30 -5.22
N GLN A 102 -6.17 27.16 -5.81
CA GLN A 102 -6.92 26.16 -5.07
C GLN A 102 -6.08 25.40 -4.05
N ALA A 103 -4.75 25.54 -4.10
CA ALA A 103 -3.87 24.65 -3.34
C ALA A 103 -4.09 24.72 -1.84
N PRO A 104 -4.14 25.90 -1.18
CA PRO A 104 -4.42 25.90 0.27
C PRO A 104 -5.70 25.17 0.65
N ALA A 105 -6.80 25.42 -0.05
CA ALA A 105 -8.05 24.74 0.28
C ALA A 105 -7.97 23.23 -0.03
N ALA A 106 -7.23 22.85 -1.05
CA ALA A 106 -7.07 21.43 -1.34
C ALA A 106 -6.30 20.70 -0.22
N VAL A 107 -5.21 21.32 0.27
CA VAL A 107 -4.42 20.68 1.31
C VAL A 107 -5.14 20.75 2.66
N ILE A 108 -5.87 21.83 2.91
CA ILE A 108 -6.69 21.91 4.13
C ILE A 108 -7.77 20.85 4.10
N GLU A 109 -8.41 20.63 2.95
CA GLU A 109 -9.35 19.52 2.79
C GLU A 109 -8.70 18.18 3.17
N LEU A 110 -7.47 17.95 2.71
CA LEU A 110 -6.80 16.68 3.01
C LEU A 110 -6.56 16.52 4.51
N GLU A 111 -6.04 17.56 5.16
CA GLU A 111 -5.82 17.51 6.60
C GLU A 111 -7.12 17.25 7.35
N ASN A 112 -8.22 17.95 6.98
CA ASN A 112 -9.50 17.79 7.67
C ASN A 112 -10.10 16.41 7.44
N TYR A 113 -9.69 15.75 6.37
CA TYR A 113 -10.03 14.35 6.10
C TYR A 113 -9.33 13.40 7.07
N GLY A 114 -8.16 13.77 7.57
CA GLY A 114 -7.50 12.96 8.56
C GLY A 114 -6.05 12.73 8.22
N MET A 115 -5.61 13.32 7.13
CA MET A 115 -4.24 13.08 6.67
C MET A 115 -3.26 13.46 7.76
N PRO A 116 -2.39 12.55 8.18
CA PRO A 116 -1.55 12.81 9.36
C PRO A 116 -0.31 13.62 9.02
N PHE A 117 -0.52 14.86 8.57
CA PHE A 117 0.59 15.74 8.25
C PHE A 117 1.52 15.88 9.45
N SER A 118 2.81 16.01 9.16
CA SER A 118 3.75 16.43 10.19
C SER A 118 3.38 17.82 10.67
N ARG A 119 3.85 18.17 11.86
CA ARG A 119 3.35 19.36 12.54
C ARG A 119 4.48 20.30 12.91
N THR A 120 4.14 21.58 13.01
CA THR A 120 5.05 22.61 13.47
C THR A 120 4.81 22.87 14.96
N GLU A 121 5.61 23.75 15.55
CA GLU A 121 5.43 24.06 16.96
C GLU A 121 4.13 24.82 17.22
N GLU A 122 3.54 25.43 16.19
CA GLU A 122 2.21 26.03 16.31
C GLU A 122 1.10 25.01 16.13
N GLY A 123 1.42 23.75 15.91
CA GLY A 123 0.39 22.75 15.63
C GLY A 123 -0.15 22.77 14.22
N LYS A 124 0.43 23.56 13.31
CA LYS A 124 -0.02 23.57 11.92
C LYS A 124 0.78 22.57 11.07
N ILE A 125 0.44 22.53 9.78
CA ILE A 125 1.04 21.59 8.84
C ILE A 125 2.49 21.99 8.54
N TYR A 126 3.41 21.06 8.75
CA TYR A 126 4.82 21.33 8.48
C TYR A 126 5.07 21.33 6.98
N GLN A 127 5.90 22.27 6.53
CA GLN A 127 6.24 22.42 5.12
C GLN A 127 7.75 22.55 4.99
N ARG A 128 8.30 21.96 3.93
CA ARG A 128 9.73 21.99 3.69
C ARG A 128 10.03 22.75 2.41
N ALA A 129 11.30 23.13 2.25
CA ALA A 129 11.77 23.59 0.95
C ALA A 129 11.70 22.46 -0.07
N PHE A 130 11.64 22.83 -1.34
CA PHE A 130 11.61 21.88 -2.44
C PHE A 130 12.14 22.59 -3.68
N GLY A 131 12.42 21.81 -4.72
CA GLY A 131 13.22 22.35 -5.83
C GLY A 131 12.48 23.39 -6.66
N GLY A 132 13.12 24.55 -6.83
CA GLY A 132 12.61 25.56 -7.75
C GLY A 132 11.46 26.40 -7.25
N GLN A 133 11.37 26.64 -5.94
CA GLN A 133 10.27 27.38 -5.34
C GLN A 133 10.79 28.55 -4.54
N SER A 134 10.22 29.73 -4.77
CA SER A 134 10.76 30.98 -4.25
C SER A 134 9.66 31.80 -3.58
N LEU A 135 10.09 32.85 -2.89
CA LEU A 135 9.24 33.90 -2.36
C LEU A 135 9.42 35.16 -3.19
N GLN A 136 8.34 35.96 -3.29
CA GLN A 136 8.36 37.26 -3.96
C GLN A 136 8.73 37.15 -5.43
N PHE A 137 8.00 36.30 -6.15
CA PHE A 137 8.15 36.14 -7.60
C PHE A 137 9.62 35.95 -8.01
N GLY A 138 10.26 34.95 -7.42
CA GLY A 138 11.60 34.59 -7.83
C GLY A 138 12.72 35.43 -7.21
N LYS A 139 12.40 36.45 -6.43
CA LYS A 139 13.40 37.36 -5.91
C LYS A 139 13.64 37.27 -4.40
N GLY A 140 12.77 36.60 -3.65
CA GLY A 140 12.85 36.68 -2.21
C GLY A 140 13.30 35.45 -1.46
N GLY A 141 14.05 34.54 -2.12
CA GLY A 141 14.69 33.44 -1.43
C GLY A 141 13.86 32.17 -1.44
N GLN A 142 14.41 31.16 -0.77
CA GLN A 142 13.84 29.82 -0.82
C GLN A 142 12.48 29.77 -0.12
N ALA A 143 11.50 29.16 -0.77
CA ALA A 143 10.19 28.99 -0.18
C ALA A 143 10.11 27.65 0.54
N HIS A 144 9.22 27.58 1.51
CA HIS A 144 8.97 26.37 2.31
C HIS A 144 7.46 26.14 2.30
N ARG A 145 6.93 25.62 1.18
CA ARG A 145 5.49 25.41 1.06
C ARG A 145 5.13 23.99 0.64
N CYS A 146 6.09 23.06 0.64
CA CYS A 146 5.81 21.66 0.38
C CYS A 146 5.30 21.01 1.67
N CYS A 147 3.98 20.82 1.76
CA CYS A 147 3.37 20.20 2.93
C CYS A 147 3.58 18.69 2.86
N CYS A 148 3.97 18.09 3.98
CA CYS A 148 4.39 16.68 3.94
C CYS A 148 3.99 15.92 5.18
N VAL A 149 3.83 14.60 5.00
CA VAL A 149 3.73 13.61 6.06
C VAL A 149 5.08 12.90 6.11
N ALA A 150 6.04 13.47 6.83
CA ALA A 150 7.42 12.98 6.84
C ALA A 150 7.85 12.81 5.38
N ASP A 151 8.31 11.63 4.96
CA ASP A 151 8.63 11.41 3.55
C ASP A 151 7.75 10.31 2.99
N ARG A 152 6.50 10.28 3.47
CA ARG A 152 5.52 9.26 3.10
C ARG A 152 4.24 9.92 2.62
N THR A 153 4.34 11.12 2.04
CA THR A 153 3.17 11.96 1.88
C THR A 153 2.13 11.30 0.98
N GLY A 154 2.58 10.63 -0.08
CA GLY A 154 1.65 10.04 -1.03
C GLY A 154 0.95 8.81 -0.47
N HIS A 155 1.71 7.94 0.19
CA HIS A 155 1.15 6.88 1.03
C HIS A 155 -0.02 7.41 1.86
N SER A 156 0.21 8.45 2.65
CA SER A 156 -0.84 8.96 3.54
C SER A 156 -1.95 9.66 2.77
N LEU A 157 -1.62 10.39 1.69
CA LEU A 157 -2.67 11.00 0.88
C LEU A 157 -3.62 9.96 0.30
N LEU A 158 -3.06 8.87 -0.27
CA LEU A 158 -3.91 7.85 -0.88
C LEU A 158 -4.74 7.09 0.15
N HIS A 159 -4.16 6.78 1.33
CA HIS A 159 -4.94 6.03 2.31
C HIS A 159 -6.01 6.90 2.93
N THR A 160 -5.68 8.17 3.18
CA THR A 160 -6.70 9.13 3.61
C THR A 160 -7.82 9.26 2.57
N LEU A 161 -7.46 9.48 1.30
CA LEU A 161 -8.50 9.60 0.28
C LEU A 161 -9.31 8.31 0.16
N TYR A 162 -8.65 7.15 0.21
CA TYR A 162 -9.41 5.90 0.14
C TYR A 162 -10.33 5.77 1.34
N GLY A 163 -9.82 6.02 2.54
CA GLY A 163 -10.67 5.95 3.72
C GLY A 163 -11.85 6.91 3.63
N ARG A 164 -11.63 8.10 3.10
CA ARG A 164 -12.73 9.04 2.96
C ARG A 164 -13.80 8.54 2.00
N SER A 165 -13.40 7.90 0.89
CA SER A 165 -14.35 7.46 -0.12
C SER A 165 -15.32 6.39 0.38
N LEU A 166 -14.98 5.71 1.48
CA LEU A 166 -15.87 4.68 2.03
C LEU A 166 -17.15 5.25 2.61
N ARG A 167 -17.27 6.58 2.73
CA ARG A 167 -18.49 7.22 3.25
C ARG A 167 -19.54 7.48 2.19
N TYR A 168 -19.27 7.20 0.91
CA TYR A 168 -20.18 7.52 -0.17
C TYR A 168 -20.56 6.25 -0.90
N ASP A 169 -21.66 6.33 -1.68
CA ASP A 169 -22.21 5.15 -2.35
C ASP A 169 -21.60 4.95 -3.74
N THR A 170 -20.34 5.35 -3.93
CA THR A 170 -19.60 5.02 -5.15
C THR A 170 -19.52 3.51 -5.34
N SER A 171 -19.97 3.04 -6.50
CA SER A 171 -19.82 1.63 -6.83
C SER A 171 -18.42 1.39 -7.36
N TYR A 172 -17.62 0.60 -6.64
CA TYR A 172 -16.25 0.30 -7.02
C TYR A 172 -16.19 -1.01 -7.80
N PHE A 173 -15.36 -1.03 -8.84
CA PHE A 173 -15.13 -2.21 -9.67
C PHE A 173 -13.63 -2.42 -9.70
N VAL A 174 -13.15 -3.07 -8.64
CA VAL A 174 -11.72 -3.20 -8.35
C VAL A 174 -11.14 -4.36 -9.13
N GLU A 175 -9.93 -4.15 -9.65
CA GLU A 175 -9.26 -5.11 -10.52
C GLU A 175 -10.10 -5.38 -11.77
N TYR A 176 -10.68 -4.32 -12.32
CA TYR A 176 -11.20 -4.29 -13.67
C TYR A 176 -10.23 -3.49 -14.56
N PHE A 177 -9.96 -4.01 -15.74
CA PHE A 177 -8.98 -3.42 -16.64
C PHE A 177 -9.72 -2.74 -17.79
N ALA A 178 -9.73 -1.41 -17.80
CA ALA A 178 -10.40 -0.68 -18.86
C ALA A 178 -9.65 -0.89 -20.17
N LEU A 179 -10.39 -1.18 -21.24
CA LEU A 179 -9.82 -1.49 -22.54
C LEU A 179 -9.93 -0.33 -23.53
N ASP A 180 -11.13 0.20 -23.72
CA ASP A 180 -11.34 1.34 -24.61
C ASP A 180 -12.49 2.18 -24.10
N LEU A 181 -12.53 3.43 -24.59
CA LEU A 181 -13.70 4.27 -24.48
C LEU A 181 -14.74 3.86 -25.50
N LEU A 182 -16.00 4.05 -25.15
CA LEU A 182 -17.11 3.87 -26.08
C LEU A 182 -17.45 5.24 -26.67
N MET A 183 -17.05 5.47 -27.92
CA MET A 183 -17.23 6.75 -28.60
C MET A 183 -18.43 6.68 -29.52
N GLU A 184 -19.20 7.77 -29.57
CA GLU A 184 -20.22 7.92 -30.62
C GLU A 184 -20.33 9.39 -30.97
N ASN A 185 -19.98 9.72 -32.21
CA ASN A 185 -20.17 11.07 -32.75
C ASN A 185 -19.33 12.09 -31.99
N GLY A 186 -18.09 11.72 -31.69
CA GLY A 186 -17.19 12.61 -31.00
C GLY A 186 -17.43 12.75 -29.51
N GLU A 187 -18.42 12.06 -28.96
CA GLU A 187 -18.70 12.07 -27.52
C GLU A 187 -18.34 10.72 -26.90
N CYS A 188 -17.95 10.75 -25.62
CA CYS A 188 -17.70 9.53 -24.89
C CYS A 188 -18.98 9.02 -24.23
N ARG A 189 -19.31 7.76 -24.45
CA ARG A 189 -20.47 7.11 -23.86
C ARG A 189 -20.11 6.18 -22.68
N GLY A 190 -18.83 6.09 -22.32
CA GLY A 190 -18.39 5.25 -21.23
C GLY A 190 -17.15 4.45 -21.62
N VAL A 191 -16.93 3.35 -20.91
CA VAL A 191 -15.75 2.51 -21.11
C VAL A 191 -16.18 1.05 -21.15
N ILE A 192 -15.37 0.24 -21.84
CA ILE A 192 -15.51 -1.22 -21.82
C ILE A 192 -14.30 -1.77 -21.09
N ALA A 193 -14.51 -2.83 -20.29
CA ALA A 193 -13.46 -3.29 -19.40
C ALA A 193 -13.52 -4.81 -19.22
N LEU A 194 -12.42 -5.35 -18.70
CA LEU A 194 -12.28 -6.76 -18.36
C LEU A 194 -12.28 -6.94 -16.84
N CYS A 195 -13.16 -7.81 -16.34
CA CYS A 195 -13.09 -8.21 -14.93
C CYS A 195 -12.01 -9.27 -14.78
N ILE A 196 -10.90 -8.89 -14.15
CA ILE A 196 -9.78 -9.82 -14.01
C ILE A 196 -10.16 -10.99 -13.10
N GLU A 197 -10.95 -10.74 -12.06
CA GLU A 197 -11.26 -11.77 -11.07
C GLU A 197 -12.10 -12.90 -11.65
N ASP A 198 -12.94 -12.62 -12.66
CA ASP A 198 -13.77 -13.68 -13.20
C ASP A 198 -13.80 -13.78 -14.72
N GLY A 199 -13.01 -12.99 -15.46
CA GLY A 199 -12.88 -13.15 -16.91
C GLY A 199 -13.97 -12.53 -17.77
N THR A 200 -14.89 -11.76 -17.19
CA THR A 200 -16.03 -11.25 -17.95
C THR A 200 -15.78 -9.83 -18.46
N ILE A 201 -16.47 -9.50 -19.56
CA ILE A 201 -16.35 -8.22 -20.23
C ILE A 201 -17.50 -7.33 -19.76
N HIS A 202 -17.17 -6.08 -19.41
CA HIS A 202 -18.15 -5.15 -18.85
C HIS A 202 -18.16 -3.84 -19.64
N ARG A 203 -19.35 -3.42 -20.07
CA ARG A 203 -19.54 -2.09 -20.67
C ARG A 203 -20.17 -1.18 -19.63
N PHE A 204 -19.54 -0.04 -19.40
CA PHE A 204 -20.01 0.95 -18.42
C PHE A 204 -20.56 2.15 -19.18
N ARG A 205 -21.88 2.16 -19.39
CA ARG A 205 -22.51 3.30 -20.04
C ARG A 205 -22.67 4.45 -19.05
N ALA A 206 -22.35 5.67 -19.48
CA ALA A 206 -22.43 6.79 -18.56
C ALA A 206 -22.47 8.09 -19.36
N LYS A 207 -23.02 9.12 -18.72
CA LYS A 207 -23.04 10.45 -19.35
C LYS A 207 -21.65 11.09 -19.35
N ASN A 208 -20.84 10.81 -18.32
CA ASN A 208 -19.50 11.38 -18.25
C ASN A 208 -18.49 10.33 -17.82
N THR A 209 -17.31 10.42 -18.39
CA THR A 209 -16.21 9.51 -18.10
C THR A 209 -15.01 10.34 -17.66
N VAL A 210 -14.31 9.88 -16.63
CA VAL A 210 -13.16 10.59 -16.08
C VAL A 210 -11.98 9.64 -16.16
N ILE A 211 -10.90 10.07 -16.82
CA ILE A 211 -9.73 9.22 -17.02
C ILE A 211 -8.63 9.73 -16.08
N ALA A 212 -8.30 8.91 -15.08
CA ALA A 212 -7.28 9.21 -14.08
C ALA A 212 -6.34 8.00 -13.95
N THR A 213 -5.73 7.61 -15.07
CA THR A 213 -5.07 6.32 -15.12
C THR A 213 -3.56 6.36 -14.93
N GLY A 214 -3.00 7.51 -14.61
CA GLY A 214 -1.57 7.56 -14.31
C GLY A 214 -0.69 7.79 -15.51
N GLY A 215 0.63 7.65 -15.27
CA GLY A 215 1.63 7.87 -16.30
C GLY A 215 2.04 6.59 -17.03
N TYR A 216 3.22 6.66 -17.69
CA TYR A 216 3.71 5.53 -18.46
C TYR A 216 5.24 5.44 -18.37
N GLY A 217 5.79 5.61 -17.17
CA GLY A 217 7.24 5.50 -16.97
C GLY A 217 7.84 4.17 -17.37
N ARG A 218 7.03 3.11 -17.43
CA ARG A 218 7.49 1.78 -17.83
C ARG A 218 7.65 1.62 -19.34
N THR A 219 7.45 2.68 -20.15
CA THR A 219 8.01 2.66 -21.50
C THR A 219 9.53 2.67 -21.49
N TYR A 220 10.16 3.00 -20.37
CA TYR A 220 11.62 3.05 -20.25
C TYR A 220 12.16 1.84 -19.51
N PHE A 221 13.49 1.71 -19.54
CA PHE A 221 14.14 0.56 -18.91
C PHE A 221 14.33 0.77 -17.42
N SER A 222 14.62 1.99 -17.00
CA SER A 222 14.80 2.34 -15.59
C SER A 222 13.85 3.48 -15.27
N CYS A 223 12.94 3.24 -14.32
CA CYS A 223 12.03 4.27 -13.86
C CYS A 223 11.78 4.11 -12.37
N THR A 224 11.38 5.21 -11.74
CA THR A 224 10.88 5.09 -10.38
C THR A 224 9.48 4.48 -10.35
N SER A 225 8.84 4.37 -11.52
CA SER A 225 7.43 4.06 -11.59
C SER A 225 7.14 2.59 -11.26
N ALA A 226 5.95 2.37 -10.71
CA ALA A 226 5.36 1.06 -10.52
C ALA A 226 5.34 0.23 -11.79
N HIS A 227 5.30 -1.10 -11.64
CA HIS A 227 5.12 -1.95 -12.80
C HIS A 227 3.82 -1.65 -13.52
N THR A 228 2.84 -1.11 -12.80
CA THR A 228 1.50 -0.84 -13.31
C THR A 228 1.36 0.53 -13.98
N SER A 229 2.44 1.31 -14.07
CA SER A 229 2.37 2.62 -14.72
C SER A 229 2.58 2.44 -16.22
N THR A 230 1.51 2.04 -16.92
CA THR A 230 1.62 1.61 -18.31
C THR A 230 0.80 2.44 -19.31
N GLY A 231 0.38 3.64 -18.93
CA GLY A 231 -0.29 4.55 -19.87
C GLY A 231 -1.60 4.06 -20.47
N ASP A 232 -2.42 3.35 -19.67
CA ASP A 232 -3.57 2.66 -20.24
C ASP A 232 -4.67 3.60 -20.69
N GLY A 233 -4.91 4.68 -19.93
CA GLY A 233 -5.93 5.61 -20.32
C GLY A 233 -5.46 6.53 -21.41
N THR A 234 -4.15 6.77 -21.48
CA THR A 234 -3.54 7.46 -22.60
C THR A 234 -3.75 6.69 -23.90
N ALA A 235 -3.55 5.37 -23.87
CA ALA A 235 -3.70 4.56 -25.07
C ALA A 235 -5.15 4.46 -25.52
N MET A 236 -6.09 4.40 -24.57
CA MET A 236 -7.51 4.40 -24.94
C MET A 236 -7.88 5.67 -25.69
N VAL A 237 -7.33 6.81 -25.27
CA VAL A 237 -7.55 8.06 -25.99
C VAL A 237 -6.99 7.97 -27.40
N THR A 238 -5.74 7.52 -27.51
CA THR A 238 -5.11 7.33 -28.82
C THR A 238 -5.93 6.41 -29.72
N ARG A 239 -6.44 5.30 -29.16
CA ARG A 239 -7.18 4.35 -29.98
C ARG A 239 -8.53 4.91 -30.40
N ALA A 240 -9.07 5.86 -29.62
CA ALA A 240 -10.32 6.53 -29.93
C ALA A 240 -10.17 7.59 -31.03
N GLY A 241 -8.96 7.79 -31.56
CA GLY A 241 -8.73 8.83 -32.54
C GLY A 241 -8.49 10.21 -31.95
N LEU A 242 -8.22 10.30 -30.65
CA LEU A 242 -8.03 11.60 -30.03
C LEU A 242 -6.55 11.94 -29.88
N PRO A 243 -6.19 13.21 -29.79
CA PRO A 243 -4.78 13.57 -29.60
C PRO A 243 -4.33 13.38 -28.16
N CYS A 244 -3.06 13.07 -28.01
CA CYS A 244 -2.36 13.28 -26.75
C CYS A 244 -1.45 14.47 -26.89
N GLN A 245 -1.04 15.04 -25.76
CA GLN A 245 -0.35 16.31 -25.76
C GLN A 245 1.02 16.21 -25.10
N ASP A 246 2.02 16.86 -25.72
CA ASP A 246 3.36 17.04 -25.15
C ASP A 246 3.96 15.74 -24.59
N LEU A 247 3.65 14.58 -25.18
CA LEU A 247 4.15 13.31 -24.66
C LEU A 247 5.67 13.19 -24.70
N GLU A 248 6.36 14.00 -25.51
CA GLU A 248 7.82 13.93 -25.56
C GLU A 248 8.48 14.49 -24.30
N PHE A 249 7.72 15.14 -23.42
CA PHE A 249 8.28 15.76 -22.21
C PHE A 249 8.22 14.77 -21.06
N VAL A 250 9.32 14.07 -20.84
CA VAL A 250 9.43 13.03 -19.83
C VAL A 250 10.37 13.55 -18.74
N GLN A 251 9.92 13.48 -17.49
CA GLN A 251 10.72 14.02 -16.38
C GLN A 251 11.66 12.97 -15.84
N PHE A 252 12.96 13.28 -15.85
CA PHE A 252 13.95 12.49 -15.13
C PHE A 252 14.13 13.09 -13.75
N HIS A 253 13.62 12.39 -12.73
CA HIS A 253 13.87 12.82 -11.37
C HIS A 253 15.36 12.72 -11.09
N PRO A 254 15.95 13.72 -10.43
CA PRO A 254 17.40 13.69 -10.23
C PRO A 254 17.90 12.45 -9.53
N THR A 255 17.18 11.90 -8.52
CA THR A 255 17.73 10.89 -7.60
C THR A 255 16.86 9.63 -7.51
N GLY A 256 16.92 8.77 -8.54
CA GLY A 256 16.52 7.37 -8.38
C GLY A 256 17.70 6.57 -7.85
N ILE A 257 17.45 5.74 -6.83
CA ILE A 257 18.56 4.96 -6.24
C ILE A 257 19.16 4.04 -7.30
N TYR A 258 20.47 3.87 -7.24
CA TYR A 258 21.22 3.18 -8.28
C TYR A 258 20.87 1.69 -8.33
N GLY A 259 20.79 1.14 -9.54
CA GLY A 259 20.37 -0.24 -9.70
C GLY A 259 18.86 -0.46 -9.70
N ALA A 260 18.23 -0.40 -8.52
CA ALA A 260 16.80 -0.70 -8.43
C ALA A 260 15.93 0.40 -9.03
N GLY A 261 16.41 1.65 -9.04
CA GLY A 261 15.67 2.77 -9.59
C GLY A 261 14.75 3.49 -8.62
N CYS A 262 14.54 2.94 -7.41
CA CYS A 262 13.57 3.47 -6.47
C CYS A 262 13.83 4.94 -6.15
N LEU A 263 12.74 5.67 -5.94
CA LEU A 263 12.85 7.10 -5.72
C LEU A 263 13.46 7.39 -4.35
N ILE A 264 14.48 8.25 -4.33
CA ILE A 264 14.95 8.89 -3.11
C ILE A 264 14.47 10.34 -3.17
N THR A 265 13.60 10.72 -2.22
CA THR A 265 12.83 11.96 -2.38
C THR A 265 13.73 13.18 -2.52
N GLU A 266 13.17 14.20 -3.19
CA GLU A 266 13.81 15.52 -3.30
C GLU A 266 13.81 16.26 -1.97
N GLY A 267 13.00 15.79 -1.01
CA GLY A 267 13.01 16.35 0.33
C GLY A 267 14.33 16.16 1.05
N CYS A 268 15.13 15.17 0.61
CA CYS A 268 16.49 15.04 1.13
C CYS A 268 17.29 16.30 0.87
N ARG A 269 17.18 16.84 -0.34
CA ARG A 269 17.79 18.12 -0.65
C ARG A 269 17.06 19.29 0.01
N GLY A 270 15.73 19.19 0.15
CA GLY A 270 14.98 20.24 0.82
C GLY A 270 15.32 20.41 2.29
N GLU A 271 15.71 19.30 2.94
CA GLU A 271 16.13 19.27 4.34
C GLU A 271 17.61 19.52 4.53
N GLY A 272 18.40 19.56 3.46
CA GLY A 272 19.81 19.87 3.60
C GLY A 272 20.78 18.97 2.87
N GLY A 273 20.29 17.87 2.30
CA GLY A 273 21.14 16.99 1.52
C GLY A 273 21.75 17.72 0.32
N ILE A 274 22.95 17.30 -0.04
CA ILE A 274 23.72 17.89 -1.13
C ILE A 274 24.22 16.77 -2.04
N LEU A 275 24.41 17.08 -3.32
CA LEU A 275 24.96 16.15 -4.30
C LEU A 275 26.46 16.39 -4.43
N ILE A 276 27.25 15.32 -4.40
CA ILE A 276 28.70 15.43 -4.61
C ILE A 276 29.14 14.39 -5.64
N ASN A 277 30.21 14.71 -6.36
CA ASN A 277 30.78 13.82 -7.36
C ASN A 277 32.00 13.06 -6.80
N SER A 278 32.73 12.37 -7.68
CA SER A 278 33.88 11.58 -7.27
C SER A 278 35.01 12.42 -6.67
N GLN A 279 34.98 13.75 -6.86
CA GLN A 279 35.93 14.67 -6.25
C GLN A 279 35.39 15.31 -4.97
N GLY A 280 34.20 14.94 -4.53
CA GLY A 280 33.58 15.55 -3.37
C GLY A 280 33.02 16.95 -3.56
N GLU A 281 33.08 17.50 -4.78
CA GLU A 281 32.50 18.83 -5.01
C GLU A 281 30.98 18.78 -5.02
N ARG A 282 30.36 19.71 -4.29
CA ARG A 282 28.92 19.99 -4.38
C ARG A 282 28.68 20.73 -5.69
N PHE A 283 28.61 19.98 -6.79
CA PHE A 283 28.75 20.56 -8.12
C PHE A 283 27.61 21.48 -8.51
N MET A 284 26.45 21.35 -7.86
CA MET A 284 25.34 22.24 -8.20
C MET A 284 25.62 23.69 -7.84
N GLU A 285 26.55 23.96 -6.91
CA GLU A 285 27.02 25.32 -6.70
C GLU A 285 27.61 25.93 -7.96
N ARG A 286 28.03 25.12 -8.92
CA ARG A 286 28.57 25.63 -10.18
C ARG A 286 27.53 25.70 -11.29
N TYR A 287 26.63 24.71 -11.37
CA TYR A 287 25.61 24.70 -12.41
C TYR A 287 24.46 25.67 -12.08
N ALA A 288 24.11 25.80 -10.80
CA ALA A 288 23.03 26.67 -10.35
C ALA A 288 23.54 27.46 -9.17
N PRO A 289 24.24 28.57 -9.41
CA PRO A 289 24.79 29.35 -8.29
C PRO A 289 23.79 29.67 -7.19
N VAL A 290 22.56 30.04 -7.56
CA VAL A 290 21.59 30.47 -6.55
C VAL A 290 20.92 29.27 -5.89
N ALA A 291 20.17 28.47 -6.67
CA ALA A 291 19.39 27.38 -6.11
C ALA A 291 20.20 26.14 -5.74
N LYS A 292 21.39 25.96 -6.33
CA LYS A 292 22.27 24.83 -6.05
C LYS A 292 21.54 23.49 -6.22
N ASP A 293 21.44 22.73 -5.14
CA ASP A 293 20.79 21.43 -5.21
C ASP A 293 19.26 21.53 -5.28
N LEU A 294 18.69 22.74 -5.16
CA LEU A 294 17.25 22.94 -5.27
C LEU A 294 16.87 23.69 -6.55
N ALA A 295 17.66 23.51 -7.61
CA ALA A 295 17.26 23.98 -8.92
C ALA A 295 16.12 23.12 -9.46
N SER A 296 15.62 23.44 -10.65
CA SER A 296 14.60 22.61 -11.27
C SER A 296 15.18 21.24 -11.64
N ARG A 297 14.29 20.25 -11.71
CA ARG A 297 14.71 18.87 -11.96
C ARG A 297 15.39 18.72 -13.31
N ASP A 298 14.84 19.33 -14.36
CA ASP A 298 15.49 19.25 -15.67
C ASP A 298 16.92 19.75 -15.61
N VAL A 299 17.19 20.77 -14.78
CA VAL A 299 18.53 21.34 -14.68
C VAL A 299 19.44 20.47 -13.82
N VAL A 300 18.91 19.94 -12.71
CA VAL A 300 19.73 19.07 -11.86
C VAL A 300 20.00 17.75 -12.57
N SER A 301 19.02 17.23 -13.31
CA SER A 301 19.23 15.97 -14.04
C SER A 301 20.25 16.14 -15.17
N ARG A 302 20.18 17.23 -15.93
CA ARG A 302 21.19 17.49 -16.95
C ARG A 302 22.57 17.67 -16.32
N SER A 303 22.64 18.35 -15.18
CA SER A 303 23.91 18.56 -14.48
C SER A 303 24.54 17.23 -14.09
N MET A 304 23.83 16.44 -13.30
CA MET A 304 24.30 15.10 -12.92
C MET A 304 24.76 14.31 -14.14
N THR A 305 24.04 14.41 -15.26
CA THR A 305 24.36 13.62 -16.44
C THR A 305 25.67 14.06 -17.08
N ILE A 306 25.97 15.36 -17.09
CA ILE A 306 27.22 15.81 -17.70
C ILE A 306 28.42 15.41 -16.85
N GLU A 307 28.29 15.51 -15.52
CA GLU A 307 29.37 15.09 -14.61
C GLU A 307 29.75 13.63 -14.83
N ILE A 308 28.76 12.77 -15.10
CA ILE A 308 29.02 11.34 -15.27
C ILE A 308 29.72 11.07 -16.60
N ARG A 309 29.12 11.53 -17.71
CA ARG A 309 29.67 11.19 -19.03
C ARG A 309 30.98 11.91 -19.31
N GLU A 310 31.17 13.11 -18.74
CA GLU A 310 32.48 13.74 -18.81
C GLU A 310 33.52 12.90 -18.09
N GLY A 311 33.24 12.49 -16.86
CA GLY A 311 34.05 11.46 -16.24
C GLY A 311 34.25 11.54 -14.75
N ARG A 312 33.31 12.16 -14.03
CA ARG A 312 33.40 12.29 -12.58
C ARG A 312 32.30 11.50 -11.86
N GLY A 313 31.83 10.42 -12.48
CA GLY A 313 30.89 9.54 -11.80
C GLY A 313 31.54 8.81 -10.63
N CYS A 314 30.69 8.30 -9.75
CA CYS A 314 31.12 7.59 -8.55
C CYS A 314 30.87 6.10 -8.72
N GLY A 315 31.18 5.34 -7.67
CA GLY A 315 31.06 3.90 -7.71
C GLY A 315 32.14 3.27 -8.56
N PRO A 316 32.23 1.94 -8.52
CA PRO A 316 33.30 1.26 -9.27
C PRO A 316 33.23 1.46 -10.78
N GLU A 317 32.11 1.95 -11.31
CA GLU A 317 31.92 2.13 -12.75
C GLU A 317 31.77 3.58 -13.15
N LYS A 318 31.81 4.52 -12.20
CA LYS A 318 31.87 5.95 -12.51
C LYS A 318 30.62 6.40 -13.27
N ASP A 319 29.47 5.84 -12.87
CA ASP A 319 28.23 5.92 -13.63
C ASP A 319 27.05 6.42 -12.80
N HIS A 320 27.29 6.88 -11.57
CA HIS A 320 26.27 7.53 -10.75
C HIS A 320 26.95 8.64 -9.96
N VAL A 321 26.20 9.32 -9.09
CA VAL A 321 26.76 10.32 -8.18
C VAL A 321 26.17 10.07 -6.79
N TYR A 322 26.69 10.81 -5.80
CA TYR A 322 26.33 10.58 -4.40
C TYR A 322 25.33 11.62 -3.91
N LEU A 323 24.30 11.17 -3.19
CA LEU A 323 23.40 12.06 -2.45
C LEU A 323 23.78 11.99 -0.97
N GLN A 324 24.47 13.02 -0.50
CA GLN A 324 25.04 13.03 0.85
C GLN A 324 24.05 13.62 1.84
N LEU A 325 23.66 12.82 2.84
CA LEU A 325 22.80 13.28 3.93
C LEU A 325 23.48 13.30 5.28
N HIS A 326 24.61 12.59 5.45
CA HIS A 326 25.14 12.26 6.78
C HIS A 326 25.58 13.47 7.60
N HIS A 327 25.93 14.59 6.96
CA HIS A 327 26.25 15.82 7.71
C HIS A 327 25.05 16.38 8.48
N LEU A 328 23.82 15.84 8.24
CA LEU A 328 22.63 16.31 8.91
C LEU A 328 22.38 15.53 10.19
N PRO A 329 21.69 16.14 11.17
CA PRO A 329 21.46 15.46 12.45
C PRO A 329 20.66 14.18 12.25
N PRO A 330 21.04 13.08 12.92
CA PRO A 330 20.28 11.83 12.73
C PRO A 330 18.81 11.96 13.10
N GLN A 331 18.47 12.86 14.02
CA GLN A 331 17.06 12.98 14.45
C GLN A 331 16.21 13.65 13.37
N GLN A 332 16.77 14.66 12.68
CA GLN A 332 16.09 15.22 11.51
C GLN A 332 15.88 14.14 10.44
N LEU A 333 16.94 13.39 10.13
CA LEU A 333 16.82 12.31 9.16
C LEU A 333 15.75 11.29 9.59
N ALA A 334 15.58 11.06 10.90
CA ALA A 334 14.57 10.11 11.37
C ALA A 334 13.16 10.70 11.42
N THR A 335 13.04 12.02 11.62
CA THR A 335 11.73 12.66 11.65
C THR A 335 11.24 13.03 10.25
N ARG A 336 12.13 13.63 9.45
CA ARG A 336 11.78 14.14 8.13
C ARG A 336 11.94 13.09 7.03
N LEU A 337 12.99 12.26 7.10
CA LEU A 337 13.26 11.29 6.03
C LEU A 337 13.32 9.84 6.50
N PRO A 338 12.34 9.32 7.27
CA PRO A 338 12.44 7.91 7.67
C PRO A 338 12.24 6.91 6.53
N GLY A 339 11.40 7.23 5.54
CA GLY A 339 11.09 6.28 4.48
C GLY A 339 12.31 5.92 3.64
N ILE A 340 13.06 6.93 3.19
CA ILE A 340 14.19 6.64 2.33
C ILE A 340 15.34 6.08 3.14
N SER A 341 15.41 6.40 4.44
CA SER A 341 16.37 5.75 5.31
C SER A 341 16.21 4.24 5.27
N GLU A 342 14.97 3.75 5.37
CA GLU A 342 14.73 2.31 5.23
C GLU A 342 15.06 1.81 3.83
N THR A 343 14.61 2.54 2.78
CA THR A 343 14.78 2.10 1.39
C THR A 343 16.25 2.10 0.98
N ALA A 344 17.01 3.12 1.39
CA ALA A 344 18.44 3.14 1.10
C ALA A 344 19.15 1.91 1.69
N MET A 345 18.76 1.49 2.89
CA MET A 345 19.37 0.30 3.48
C MET A 345 18.96 -0.96 2.71
N ILE A 346 17.66 -1.15 2.47
CA ILE A 346 17.18 -2.35 1.79
C ILE A 346 17.78 -2.47 0.38
N PHE A 347 17.69 -1.39 -0.41
CA PHE A 347 18.00 -1.42 -1.84
C PHE A 347 19.41 -0.94 -2.18
N ALA A 348 20.22 -0.55 -1.20
CA ALA A 348 21.61 -0.24 -1.49
C ALA A 348 22.55 -0.57 -0.33
N GLY A 349 22.05 -0.99 0.82
CA GLY A 349 22.93 -1.24 1.96
C GLY A 349 23.55 0.02 2.52
N VAL A 350 22.93 1.17 2.32
CA VAL A 350 23.49 2.44 2.75
C VAL A 350 22.83 2.83 4.06
N ASP A 351 23.66 3.12 5.08
CA ASP A 351 23.21 3.79 6.30
C ASP A 351 23.40 5.28 6.12
N VAL A 352 22.29 6.04 6.11
CA VAL A 352 22.33 7.41 5.63
C VAL A 352 23.07 8.35 6.58
N THR A 353 23.23 7.95 7.86
CA THR A 353 23.96 8.77 8.84
C THR A 353 25.47 8.64 8.72
N LYS A 354 25.99 7.73 7.88
CA LYS A 354 27.43 7.55 7.70
C LYS A 354 27.89 7.66 6.25
N GLU A 355 27.16 7.09 5.30
CA GLU A 355 27.60 7.03 3.91
C GLU A 355 26.53 7.58 2.97
N PRO A 356 26.94 8.12 1.82
CA PRO A 356 25.95 8.72 0.90
C PRO A 356 25.11 7.66 0.18
N ILE A 357 24.09 8.13 -0.52
CA ILE A 357 23.20 7.28 -1.32
C ILE A 357 23.60 7.38 -2.78
N PRO A 358 23.83 6.25 -3.47
CA PRO A 358 24.10 6.33 -4.92
C PRO A 358 22.80 6.58 -5.70
N VAL A 359 22.82 7.61 -6.54
CA VAL A 359 21.63 8.12 -7.22
C VAL A 359 21.97 8.50 -8.66
N LEU A 360 20.96 8.45 -9.53
CA LEU A 360 21.14 8.97 -10.88
C LEU A 360 19.79 9.39 -11.45
N PRO A 361 19.77 10.32 -12.40
CA PRO A 361 18.52 10.67 -13.09
C PRO A 361 17.76 9.43 -13.55
N THR A 362 16.50 9.36 -13.17
CA THR A 362 15.65 8.22 -13.45
C THR A 362 14.31 8.72 -13.94
N VAL A 363 13.87 8.18 -15.09
CA VAL A 363 12.51 8.43 -15.57
C VAL A 363 11.56 8.33 -14.42
N HIS A 364 10.71 9.35 -14.26
CA HIS A 364 9.95 9.45 -13.03
C HIS A 364 8.49 9.81 -13.25
N TYR A 365 8.24 10.77 -14.14
CA TYR A 365 6.94 11.42 -14.31
C TYR A 365 6.77 11.85 -15.77
N ASN A 366 5.51 11.84 -16.23
CA ASN A 366 5.15 12.23 -17.59
C ASN A 366 4.47 13.59 -17.57
N MET A 367 5.16 14.63 -18.09
CA MET A 367 4.51 15.94 -18.21
C MET A 367 3.35 15.90 -19.18
N GLY A 368 3.51 15.17 -20.29
CA GLY A 368 2.48 15.10 -21.30
C GLY A 368 1.30 14.27 -20.84
N GLY A 369 0.23 14.35 -21.61
CA GLY A 369 -0.93 13.55 -21.28
C GLY A 369 -2.06 13.79 -22.25
N ILE A 370 -3.27 13.51 -21.76
CA ILE A 370 -4.49 13.80 -22.49
C ILE A 370 -4.78 15.28 -22.31
N PRO A 371 -4.84 16.08 -23.38
CA PRO A 371 -5.06 17.53 -23.22
C PRO A 371 -6.44 17.81 -22.64
N THR A 372 -6.48 18.68 -21.64
CA THR A 372 -7.72 19.16 -21.05
C THR A 372 -7.70 20.67 -21.04
N ASN A 373 -8.86 21.27 -20.73
CA ASN A 373 -8.89 22.65 -20.28
C ASN A 373 -8.73 22.67 -18.75
N TYR A 374 -8.83 23.87 -18.17
CA TYR A 374 -8.60 24.01 -16.73
C TYR A 374 -9.72 23.40 -15.89
N LYS A 375 -10.88 23.15 -16.49
CA LYS A 375 -12.01 22.55 -15.79
C LYS A 375 -11.96 21.04 -15.76
N GLY A 376 -10.93 20.41 -16.32
CA GLY A 376 -10.82 18.97 -16.39
C GLY A 376 -11.30 18.36 -17.69
N GLN A 377 -12.05 19.10 -18.50
CA GLN A 377 -12.61 18.55 -19.73
C GLN A 377 -11.53 18.30 -20.76
N VAL A 378 -11.61 17.14 -21.41
CA VAL A 378 -10.65 16.76 -22.45
C VAL A 378 -10.99 17.50 -23.74
N ILE A 379 -9.95 17.90 -24.48
CA ILE A 379 -10.12 18.71 -25.68
C ILE A 379 -9.48 18.03 -26.88
N THR A 380 -10.02 18.31 -28.06
CA THR A 380 -9.37 18.06 -29.33
C THR A 380 -9.18 19.42 -29.99
N HIS A 381 -8.44 19.46 -31.09
CA HIS A 381 -8.06 20.74 -31.67
C HIS A 381 -8.24 20.67 -33.19
N VAL A 382 -9.27 21.37 -33.69
CA VAL A 382 -9.69 21.38 -35.08
C VAL A 382 -9.59 22.81 -35.59
N ASN A 383 -8.77 23.04 -36.62
CA ASN A 383 -8.70 24.32 -37.34
C ASN A 383 -8.38 25.48 -36.40
N GLY A 384 -7.50 25.26 -35.43
CA GLY A 384 -6.97 26.34 -34.63
C GLY A 384 -7.79 26.74 -33.42
N GLU A 385 -8.82 25.98 -33.09
CA GLU A 385 -9.60 26.22 -31.88
C GLU A 385 -9.80 24.92 -31.12
N ASP A 386 -9.79 25.04 -29.80
CA ASP A 386 -10.03 23.88 -28.96
C ASP A 386 -11.51 23.56 -28.95
N LYS A 387 -11.83 22.27 -28.88
CA LYS A 387 -13.21 21.80 -28.84
C LYS A 387 -13.31 20.78 -27.72
N VAL A 388 -14.12 21.07 -26.71
CA VAL A 388 -14.30 20.10 -25.63
C VAL A 388 -14.91 18.83 -26.22
N VAL A 389 -14.43 17.68 -25.73
CA VAL A 389 -14.97 16.38 -26.10
C VAL A 389 -16.14 16.09 -25.18
N PRO A 390 -17.37 16.03 -25.68
CA PRO A 390 -18.53 15.84 -24.80
C PRO A 390 -18.46 14.54 -24.00
N GLY A 391 -18.58 14.67 -22.68
CA GLY A 391 -18.68 13.51 -21.82
C GLY A 391 -17.36 12.95 -21.33
N LEU A 392 -16.23 13.59 -21.63
CA LEU A 392 -14.92 13.00 -21.39
C LEU A 392 -14.03 13.96 -20.62
N TYR A 393 -13.52 13.50 -19.48
CA TYR A 393 -12.67 14.28 -18.59
C TYR A 393 -11.38 13.51 -18.32
N ALA A 394 -10.39 14.21 -17.75
CA ALA A 394 -9.13 13.59 -17.37
C ALA A 394 -8.41 14.45 -16.36
N CYS A 395 -7.85 13.81 -15.32
CA CYS A 395 -7.08 14.53 -14.31
C CYS A 395 -5.92 13.66 -13.84
N GLY A 396 -4.98 14.29 -13.17
CA GLY A 396 -3.83 13.58 -12.65
C GLY A 396 -2.75 13.45 -13.70
N GLU A 397 -1.83 12.51 -13.45
CA GLU A 397 -0.67 12.36 -14.33
C GLU A 397 -1.06 12.01 -15.76
N ALA A 398 -2.21 11.35 -15.96
CA ALA A 398 -2.65 10.97 -17.29
C ALA A 398 -3.05 12.17 -18.13
N ALA A 399 -3.31 13.32 -17.49
CA ALA A 399 -3.85 14.52 -18.09
C ALA A 399 -2.76 15.56 -18.34
N SER A 400 -2.99 16.41 -19.33
CA SER A 400 -2.12 17.55 -19.66
C SER A 400 -2.98 18.81 -19.63
N ALA A 401 -2.98 19.48 -18.47
CA ALA A 401 -3.95 20.54 -18.16
C ALA A 401 -3.70 21.86 -18.91
N SER A 402 -2.46 22.31 -19.08
CA SER A 402 -1.22 21.67 -18.64
C SER A 402 -0.55 22.52 -17.59
N VAL A 403 -0.67 22.10 -16.33
CA VAL A 403 -0.06 22.87 -15.25
C VAL A 403 1.45 22.68 -15.19
N HIS A 404 1.99 21.68 -15.90
CA HIS A 404 3.40 21.39 -15.76
C HIS A 404 4.22 21.68 -17.00
N GLY A 405 3.58 21.85 -18.16
CA GLY A 405 4.25 22.17 -19.40
C GLY A 405 5.44 21.28 -19.70
N ALA A 406 6.63 21.88 -19.74
CA ALA A 406 7.86 21.21 -20.13
C ALA A 406 8.67 20.70 -18.95
N ASN A 407 8.31 21.03 -17.71
CA ASN A 407 9.01 20.54 -16.53
C ASN A 407 8.17 20.78 -15.29
N ARG A 408 7.82 19.71 -14.57
CA ARG A 408 7.00 19.83 -13.37
C ARG A 408 7.84 20.17 -12.15
N LEU A 409 7.36 21.11 -11.35
CA LEU A 409 7.97 21.36 -10.05
C LEU A 409 7.66 20.20 -9.09
N GLY A 410 8.68 19.76 -8.37
CA GLY A 410 8.48 18.78 -7.30
C GLY A 410 7.37 19.21 -6.36
N ALA A 411 6.49 18.26 -6.02
CA ALA A 411 5.37 18.38 -5.07
C ALA A 411 4.16 19.08 -5.69
N ASN A 412 4.19 19.35 -6.99
CA ASN A 412 3.02 19.86 -7.69
C ASN A 412 2.09 18.76 -8.20
N SER A 413 2.55 17.49 -8.26
CA SER A 413 1.70 16.47 -8.86
C SER A 413 0.58 16.03 -7.93
N LEU A 414 0.90 15.74 -6.67
CA LEU A 414 -0.15 15.34 -5.73
C LEU A 414 -1.19 16.44 -5.59
N LEU A 415 -0.75 17.69 -5.70
CA LEU A 415 -1.67 18.82 -5.73
C LEU A 415 -2.58 18.75 -6.95
N ASP A 416 -1.97 18.70 -8.13
CA ASP A 416 -2.68 18.46 -9.38
C ASP A 416 -3.73 17.36 -9.25
N LEU A 417 -3.35 16.24 -8.66
CA LEU A 417 -4.26 15.11 -8.47
C LEU A 417 -5.56 15.57 -7.82
N VAL A 418 -5.47 16.18 -6.64
CA VAL A 418 -6.67 16.51 -5.90
C VAL A 418 -7.36 17.77 -6.44
N VAL A 419 -6.62 18.72 -7.02
CA VAL A 419 -7.26 19.92 -7.52
C VAL A 419 -8.11 19.61 -8.74
N PHE A 420 -7.57 18.83 -9.68
CA PHE A 420 -8.27 18.59 -10.94
C PHE A 420 -9.18 17.37 -10.88
N GLY A 421 -8.88 16.39 -10.02
CA GLY A 421 -9.90 15.42 -9.67
C GLY A 421 -11.15 16.10 -9.13
N ARG A 422 -10.98 16.99 -8.16
CA ARG A 422 -12.13 17.74 -7.66
C ARG A 422 -12.71 18.67 -8.71
N ALA A 423 -11.88 19.23 -9.61
CA ALA A 423 -12.40 20.07 -10.69
C ALA A 423 -13.33 19.29 -11.61
N CYS A 424 -12.96 18.04 -11.94
CA CYS A 424 -13.83 17.24 -12.80
C CYS A 424 -15.19 17.02 -12.14
N ALA A 425 -15.18 16.68 -10.85
CA ALA A 425 -16.44 16.56 -10.11
C ALA A 425 -17.21 17.86 -10.15
N LEU A 426 -16.54 18.98 -9.82
CA LEU A 426 -17.18 20.30 -9.84
C LEU A 426 -17.74 20.63 -11.22
N THR A 427 -16.93 20.42 -12.26
CA THR A 427 -17.39 20.81 -13.60
C THR A 427 -18.61 20.00 -14.04
N ILE A 428 -18.61 18.68 -13.80
CA ILE A 428 -19.77 17.86 -14.12
C ILE A 428 -20.98 18.30 -13.30
N ALA A 429 -20.74 18.67 -12.03
CA ALA A 429 -21.83 19.11 -11.15
C ALA A 429 -22.50 20.38 -11.68
N GLU A 430 -21.71 21.35 -12.17
CA GLU A 430 -22.27 22.58 -12.70
C GLU A 430 -22.84 22.41 -14.11
N THR A 431 -22.51 21.31 -14.79
CA THR A 431 -22.79 21.10 -16.21
C THR A 431 -23.96 20.15 -16.44
N CYS A 432 -24.12 19.14 -15.60
CA CYS A 432 -25.10 18.08 -15.79
C CYS A 432 -25.85 17.85 -14.49
N LYS A 433 -26.99 17.19 -14.59
CA LYS A 433 -27.72 16.77 -13.40
C LYS A 433 -27.61 15.26 -13.23
N PRO A 434 -27.59 14.77 -12.00
CA PRO A 434 -27.70 13.32 -11.80
C PRO A 434 -29.01 12.80 -12.37
N GLY A 435 -29.00 11.52 -12.77
CA GLY A 435 -30.20 10.89 -13.26
C GLY A 435 -30.57 11.17 -14.70
N GLU A 436 -29.86 12.07 -15.39
CA GLU A 436 -30.15 12.32 -16.80
C GLU A 436 -30.07 11.00 -17.58
N PRO A 437 -30.80 10.89 -18.68
CA PRO A 437 -30.84 9.63 -19.43
C PRO A 437 -29.45 9.16 -19.87
N VAL A 438 -29.14 7.92 -19.54
CA VAL A 438 -27.86 7.32 -19.93
C VAL A 438 -27.83 7.18 -21.46
N PRO A 439 -26.75 7.58 -22.12
CA PRO A 439 -26.75 7.54 -23.59
C PRO A 439 -26.66 6.11 -24.12
N SER A 440 -27.47 5.84 -25.14
CA SER A 440 -27.46 4.53 -25.78
C SER A 440 -26.13 4.28 -26.49
N ILE A 441 -25.62 3.07 -26.35
CA ILE A 441 -24.53 2.56 -27.15
C ILE A 441 -25.12 1.55 -28.12
N LYS A 442 -24.62 1.56 -29.37
N LYS A 442 -24.63 1.56 -29.37
CA LYS A 442 -25.01 0.56 -30.36
CA LYS A 442 -24.98 0.55 -30.37
C LYS A 442 -24.84 -0.83 -29.76
C LYS A 442 -24.85 -0.83 -29.74
N PRO A 443 -25.64 -1.82 -30.17
CA PRO A 443 -25.62 -3.12 -29.46
C PRO A 443 -24.25 -3.79 -29.42
N ASN A 444 -23.40 -3.53 -30.42
CA ASN A 444 -22.07 -4.12 -30.53
C ASN A 444 -20.95 -3.15 -30.15
N ALA A 445 -21.27 -2.02 -29.52
CA ALA A 445 -20.23 -1.07 -29.15
C ALA A 445 -19.19 -1.77 -28.28
N GLY A 446 -17.91 -1.64 -28.67
CA GLY A 446 -16.79 -2.16 -27.92
C GLY A 446 -16.30 -3.54 -28.33
N GLU A 447 -16.92 -4.17 -29.33
CA GLU A 447 -16.55 -5.53 -29.71
C GLU A 447 -15.19 -5.62 -30.39
N GLU A 448 -14.63 -4.50 -30.87
CA GLU A 448 -13.26 -4.56 -31.37
C GLU A 448 -12.26 -4.70 -30.23
N SER A 449 -12.61 -4.23 -29.03
CA SER A 449 -11.74 -4.43 -27.87
C SER A 449 -11.73 -5.89 -27.44
N VAL A 450 -12.88 -6.57 -27.52
CA VAL A 450 -12.95 -8.00 -27.23
C VAL A 450 -12.15 -8.78 -28.28
N ALA A 451 -12.33 -8.44 -29.56
CA ALA A 451 -11.59 -9.13 -30.61
C ALA A 451 -10.09 -8.98 -30.41
N ASN A 452 -9.62 -7.80 -30.04
CA ASN A 452 -8.19 -7.64 -29.81
C ASN A 452 -7.74 -8.47 -28.62
N LEU A 453 -8.47 -8.38 -27.52
CA LEU A 453 -8.16 -9.14 -26.32
C LEU A 453 -8.10 -10.63 -26.62
N ASP A 454 -9.00 -11.13 -27.48
CA ASP A 454 -9.02 -12.56 -27.74
C ASP A 454 -7.86 -12.98 -28.65
N LYS A 455 -7.44 -12.11 -29.56
CA LYS A 455 -6.26 -12.39 -30.37
C LYS A 455 -4.99 -12.43 -29.52
N LEU A 456 -4.89 -11.56 -28.50
CA LEU A 456 -3.74 -11.62 -27.60
C LEU A 456 -3.79 -12.83 -26.66
N ARG A 457 -5.00 -13.21 -26.22
CA ARG A 457 -5.15 -14.37 -25.33
C ARG A 457 -4.59 -15.64 -25.96
N PHE A 458 -4.72 -15.77 -27.29
CA PHE A 458 -4.34 -16.97 -28.02
C PHE A 458 -3.18 -16.74 -28.98
N ALA A 459 -2.49 -15.60 -28.88
CA ALA A 459 -1.33 -15.32 -29.73
C ALA A 459 -0.27 -16.41 -29.60
N ASP A 460 0.39 -16.73 -30.70
CA ASP A 460 1.33 -17.85 -30.69
C ASP A 460 2.38 -17.64 -31.78
N GLY A 461 3.13 -16.54 -31.68
CA GLY A 461 4.16 -16.23 -32.65
C GLY A 461 5.58 -16.42 -32.18
N THR A 462 6.46 -15.48 -32.56
CA THR A 462 7.91 -15.59 -32.40
C THR A 462 8.44 -14.80 -31.21
N ILE A 463 7.81 -13.67 -30.87
CA ILE A 463 8.37 -12.68 -29.96
C ILE A 463 7.45 -12.61 -28.75
N ARG A 464 7.84 -13.27 -27.65
CA ARG A 464 7.04 -13.24 -26.43
C ARG A 464 6.96 -11.82 -25.85
N THR A 465 5.87 -11.58 -25.13
CA THR A 465 5.55 -10.24 -24.63
C THR A 465 6.72 -9.62 -23.86
N SER A 466 7.34 -10.38 -22.94
CA SER A 466 8.41 -9.80 -22.13
C SER A 466 9.62 -9.42 -22.99
N GLU A 467 9.83 -10.12 -24.10
CA GLU A 467 10.94 -9.82 -24.98
C GLU A 467 10.71 -8.52 -25.77
N ALA A 468 9.47 -8.26 -26.16
CA ALA A 468 9.15 -7.04 -26.90
C ALA A 468 9.11 -5.83 -25.98
N ARG A 469 8.56 -5.99 -24.78
CA ARG A 469 8.61 -4.92 -23.78
C ARG A 469 10.04 -4.48 -23.54
N LEU A 470 10.96 -5.43 -23.40
CA LEU A 470 12.36 -5.10 -23.15
C LEU A 470 12.98 -4.36 -24.33
N ASN A 471 12.63 -4.77 -25.56
CA ASN A 471 13.12 -4.08 -26.76
C ASN A 471 12.65 -2.64 -26.81
N MET A 472 11.44 -2.37 -26.32
CA MET A 472 10.92 -1.01 -26.23
C MET A 472 11.64 -0.21 -25.16
N GLN A 473 11.86 -0.81 -23.99
CA GLN A 473 12.40 -0.05 -22.86
C GLN A 473 13.85 0.34 -23.08
N LYS A 474 14.64 -0.57 -23.65
CA LYS A 474 16.03 -0.27 -23.99
C LYS A 474 16.14 0.71 -25.16
N THR A 475 15.16 0.68 -26.08
CA THR A 475 15.15 1.63 -27.19
C THR A 475 14.82 3.05 -26.70
N MET A 476 13.83 3.19 -25.82
CA MET A 476 13.56 4.51 -25.24
C MET A 476 14.71 4.97 -24.36
N GLN A 477 15.36 4.04 -23.64
CA GLN A 477 16.38 4.40 -22.67
C GLN A 477 17.62 5.00 -23.34
N SER A 478 18.01 4.49 -24.50
CA SER A 478 19.20 5.02 -25.18
C SER A 478 18.89 6.07 -26.25
N HIS A 479 17.70 6.08 -26.84
CA HIS A 479 17.38 6.99 -27.93
C HIS A 479 16.52 8.18 -27.51
N ALA A 480 16.07 8.24 -26.26
CA ALA A 480 15.19 9.32 -25.82
C ALA A 480 15.51 9.72 -24.37
N ALA A 481 16.79 9.90 -24.09
CA ALA A 481 17.24 10.02 -22.70
C ALA A 481 17.29 11.50 -22.30
N VAL A 482 18.07 11.82 -21.27
CA VAL A 482 18.20 13.21 -20.80
C VAL A 482 18.60 14.12 -21.94
N PHE A 483 19.67 13.75 -22.65
CA PHE A 483 20.13 14.48 -23.82
C PHE A 483 19.80 13.72 -25.09
N ARG A 484 19.31 14.46 -26.09
CA ARG A 484 18.86 13.90 -27.35
C ARG A 484 19.47 14.66 -28.51
N THR A 485 19.74 13.95 -29.61
CA THR A 485 20.13 14.54 -30.89
C THR A 485 19.18 14.03 -31.97
N GLY A 486 19.29 14.63 -33.16
CA GLY A 486 18.38 14.29 -34.24
C GLY A 486 18.61 12.89 -34.77
N SER A 487 19.87 12.52 -35.01
CA SER A 487 20.16 11.21 -35.58
C SER A 487 19.81 10.09 -34.60
N ILE A 488 20.05 10.30 -33.31
CA ILE A 488 19.76 9.26 -32.33
C ILE A 488 18.25 9.09 -32.17
N LEU A 489 17.51 10.19 -32.15
CA LEU A 489 16.04 10.11 -32.06
C LEU A 489 15.43 9.46 -33.29
N GLN A 490 15.96 9.77 -34.49
CA GLN A 490 15.47 9.14 -35.72
C GLN A 490 15.65 7.63 -35.69
N GLU A 491 16.83 7.16 -35.28
CA GLU A 491 17.06 5.73 -35.23
C GLU A 491 16.18 5.07 -34.17
N GLY A 492 15.80 5.82 -33.13
CA GLY A 492 14.86 5.28 -32.15
C GLY A 492 13.44 5.27 -32.68
N CYS A 493 13.10 6.23 -33.54
CA CYS A 493 11.81 6.18 -34.21
C CYS A 493 11.71 4.95 -35.10
N GLU A 494 12.78 4.66 -35.85
CA GLU A 494 12.79 3.47 -36.70
C GLU A 494 12.72 2.19 -35.86
N LYS A 495 13.54 2.09 -34.81
CA LYS A 495 13.51 0.91 -33.95
C LYS A 495 12.13 0.70 -33.32
N LEU A 496 11.47 1.78 -32.88
CA LEU A 496 10.16 1.64 -32.25
C LEU A 496 9.09 1.22 -33.27
N SER A 497 9.08 1.84 -34.44
CA SER A 497 8.07 1.49 -35.43
C SER A 497 8.20 0.03 -35.86
N GLN A 498 9.44 -0.48 -35.98
CA GLN A 498 9.66 -1.89 -36.29
C GLN A 498 9.21 -2.80 -35.15
N ILE A 499 9.54 -2.42 -33.91
CA ILE A 499 9.03 -3.16 -32.75
C ILE A 499 7.50 -3.17 -32.77
N TYR A 500 6.89 -2.04 -33.16
CA TYR A 500 5.43 -1.95 -33.10
C TYR A 500 4.77 -2.87 -34.13
N ARG A 501 5.34 -2.95 -35.34
CA ARG A 501 4.89 -3.94 -36.30
C ARG A 501 5.18 -5.36 -35.80
N ASP A 502 6.37 -5.57 -35.20
CA ASP A 502 6.71 -6.87 -34.62
C ASP A 502 5.66 -7.38 -33.63
N LEU A 503 4.78 -6.51 -33.13
CA LEU A 503 3.68 -6.97 -32.29
C LEU A 503 2.82 -8.00 -32.98
N ALA A 504 2.77 -8.00 -34.33
CA ALA A 504 2.09 -9.06 -35.05
C ALA A 504 2.72 -10.43 -34.80
N HIS A 505 3.94 -10.49 -34.27
CA HIS A 505 4.64 -11.75 -33.99
C HIS A 505 4.53 -12.18 -32.54
N LEU A 506 3.67 -11.54 -31.74
CA LEU A 506 3.68 -11.81 -30.30
C LEU A 506 3.32 -13.27 -30.01
N LYS A 507 3.81 -13.74 -28.86
CA LYS A 507 3.48 -15.06 -28.34
C LYS A 507 3.11 -14.92 -26.87
N THR A 508 1.92 -15.40 -26.51
CA THR A 508 1.53 -15.63 -25.13
C THR A 508 1.45 -17.12 -24.85
N PHE A 509 1.53 -17.48 -23.57
CA PHE A 509 1.46 -18.87 -23.16
C PHE A 509 0.20 -19.22 -22.39
N ASP A 510 -0.42 -18.26 -21.74
CA ASP A 510 -1.54 -18.51 -20.83
C ASP A 510 -2.84 -18.32 -21.60
N ARG A 511 -3.55 -19.42 -21.84
CA ARG A 511 -4.83 -19.39 -22.55
C ARG A 511 -6.02 -19.32 -21.62
N GLY A 512 -5.82 -19.12 -20.31
CA GLY A 512 -6.91 -18.90 -19.39
C GLY A 512 -7.44 -17.47 -19.52
N ILE A 513 -8.50 -17.20 -18.76
CA ILE A 513 -9.13 -15.87 -18.81
C ILE A 513 -9.19 -15.24 -17.41
N VAL A 514 -9.28 -16.07 -16.38
CA VAL A 514 -9.26 -15.59 -14.99
C VAL A 514 -7.82 -15.31 -14.57
N TRP A 515 -7.58 -14.10 -14.05
CA TRP A 515 -6.27 -13.63 -13.60
C TRP A 515 -5.14 -14.06 -14.55
N ASN A 516 -5.35 -13.79 -15.84
CA ASN A 516 -4.35 -14.05 -16.89
C ASN A 516 -3.49 -12.78 -17.02
N THR A 517 -2.47 -12.67 -16.18
CA THR A 517 -1.56 -11.52 -16.24
C THR A 517 -0.62 -11.60 -17.44
N ASP A 518 -0.42 -12.79 -18.00
CA ASP A 518 0.22 -12.90 -19.30
C ASP A 518 -0.51 -12.05 -20.32
N LEU A 519 -1.83 -12.17 -20.37
CA LEU A 519 -2.65 -11.45 -21.34
C LEU A 519 -2.77 -9.97 -20.98
N VAL A 520 -2.97 -9.67 -19.68
CA VAL A 520 -3.11 -8.28 -19.25
C VAL A 520 -1.82 -7.49 -19.52
N GLU A 521 -0.67 -8.10 -19.23
CA GLU A 521 0.60 -7.41 -19.50
C GLU A 521 0.89 -7.33 -20.99
N THR A 522 0.27 -8.19 -21.81
CA THR A 522 0.33 -7.97 -23.24
C THR A 522 -0.56 -6.79 -23.66
N LEU A 523 -1.68 -6.58 -22.95
CA LEU A 523 -2.49 -5.39 -23.21
C LEU A 523 -1.75 -4.12 -22.78
N GLU A 524 -1.06 -4.16 -21.64
CA GLU A 524 -0.30 -2.99 -21.20
C GLU A 524 0.82 -2.66 -22.17
N LEU A 525 1.38 -3.69 -22.84
CA LEU A 525 2.45 -3.47 -23.81
C LEU A 525 1.92 -2.76 -25.06
N GLN A 526 0.73 -3.12 -25.53
CA GLN A 526 0.06 -2.35 -26.57
C GLN A 526 -0.10 -0.91 -26.12
N ASN A 527 -0.62 -0.71 -24.91
CA ASN A 527 -0.74 0.62 -24.36
C ASN A 527 0.61 1.33 -24.28
N LEU A 528 1.62 0.65 -23.75
CA LEU A 528 2.92 1.27 -23.58
C LEU A 528 3.50 1.74 -24.91
N MET A 529 3.33 0.93 -25.97
CA MET A 529 3.95 1.24 -27.25
C MET A 529 3.28 2.45 -27.91
N LEU A 530 1.95 2.53 -27.85
CA LEU A 530 1.27 3.74 -28.34
C LEU A 530 1.80 4.99 -27.64
N CYS A 531 2.04 4.92 -26.32
CA CYS A 531 2.65 6.05 -25.62
C CYS A 531 4.08 6.29 -26.09
N ALA A 532 4.87 5.22 -26.25
CA ALA A 532 6.28 5.37 -26.62
C ALA A 532 6.44 5.97 -28.01
N LEU A 533 5.63 5.54 -28.98
CA LEU A 533 5.75 6.08 -30.33
C LEU A 533 5.55 7.58 -30.33
N GLN A 534 4.46 8.03 -29.69
CA GLN A 534 4.17 9.47 -29.69
C GLN A 534 5.24 10.26 -28.95
N THR A 535 5.80 9.68 -27.88
CA THR A 535 6.87 10.34 -27.13
C THR A 535 8.11 10.60 -27.99
N ILE A 536 8.64 9.56 -28.63
CA ILE A 536 9.91 9.71 -29.32
C ILE A 536 9.77 10.40 -30.67
N TYR A 537 8.61 10.24 -31.35
CA TYR A 537 8.39 10.93 -32.63
C TYR A 537 8.14 12.41 -32.40
N GLY A 538 7.36 12.74 -31.36
CA GLY A 538 7.24 14.14 -30.97
C GLY A 538 8.58 14.74 -30.59
N ALA A 539 9.43 13.95 -29.93
CA ALA A 539 10.77 14.42 -29.54
C ALA A 539 11.62 14.75 -30.76
N GLU A 540 11.69 13.82 -31.71
CA GLU A 540 12.49 14.02 -32.92
C GLU A 540 12.04 15.24 -33.70
N ALA A 541 10.74 15.55 -33.69
CA ALA A 541 10.23 16.69 -34.44
C ALA A 541 10.45 18.03 -33.73
N ARG A 542 10.46 18.04 -32.38
CA ARG A 542 10.63 19.28 -31.61
C ARG A 542 12.09 19.70 -31.64
N LYS A 543 12.44 20.55 -32.60
CA LYS A 543 13.82 20.97 -32.82
C LYS A 543 14.13 22.23 -32.01
N GLU A 544 14.17 22.05 -30.68
CA GLU A 544 14.48 23.10 -29.72
C GLU A 544 14.78 22.44 -28.38
N SER A 545 15.19 23.27 -27.41
CA SER A 545 15.45 22.81 -26.04
C SER A 545 14.52 23.57 -25.09
N ARG A 546 13.60 22.86 -24.47
CA ARG A 546 12.68 23.43 -23.51
C ARG A 546 12.50 22.41 -22.39
N GLY A 547 12.55 22.89 -21.14
CA GLY A 547 12.32 22.02 -19.99
C GLY A 547 13.17 20.76 -20.02
N ALA A 548 12.52 19.62 -19.76
CA ALA A 548 13.18 18.32 -19.77
C ALA A 548 13.56 17.84 -21.18
N HIS A 549 13.11 18.51 -22.24
CA HIS A 549 13.49 18.15 -23.62
C HIS A 549 14.71 18.97 -24.02
N ALA A 550 15.88 18.32 -24.06
CA ALA A 550 17.14 18.97 -24.41
C ALA A 550 17.70 18.35 -25.68
N ARG A 551 17.75 19.13 -26.76
CA ARG A 551 18.39 18.75 -28.01
C ARG A 551 19.78 19.39 -28.06
N GLU A 552 20.80 18.57 -28.28
CA GLU A 552 22.13 19.12 -28.41
C GLU A 552 22.41 19.64 -29.80
N ASP A 553 21.55 19.33 -30.78
CA ASP A 553 21.59 19.92 -32.10
C ASP A 553 20.64 21.11 -32.25
N TYR A 554 19.91 21.47 -31.18
CA TYR A 554 19.00 22.62 -31.12
C TYR A 554 18.99 23.05 -29.65
N LYS A 555 20.10 23.67 -29.23
CA LYS A 555 20.33 23.95 -27.82
C LYS A 555 19.58 25.17 -27.31
N LEU A 556 18.78 25.82 -28.14
CA LEU A 556 18.08 27.05 -27.77
C LEU A 556 16.59 26.79 -27.56
N ARG A 557 15.99 27.60 -26.69
CA ARG A 557 14.53 27.67 -26.62
C ARG A 557 14.05 28.61 -27.72
N ILE A 558 13.07 28.17 -28.51
CA ILE A 558 12.60 28.94 -29.65
C ILE A 558 11.16 29.36 -29.41
N ASP A 559 10.95 30.62 -29.03
CA ASP A 559 9.63 31.16 -28.76
C ASP A 559 9.23 32.13 -29.87
N GLU A 560 8.02 32.70 -29.75
CA GLU A 560 7.50 33.57 -30.80
C GLU A 560 8.27 34.89 -30.90
N PHE A 561 9.02 35.27 -29.87
CA PHE A 561 10.00 36.35 -29.90
C PHE A 561 11.32 35.85 -29.31
N ASP A 562 12.39 36.62 -29.55
CA ASP A 562 13.65 36.40 -28.84
C ASP A 562 13.52 37.12 -27.49
N TYR A 563 13.01 36.42 -26.48
CA TYR A 563 12.72 37.07 -25.20
C TYR A 563 13.99 37.35 -24.39
N SER A 564 15.16 37.14 -24.99
CA SER A 564 16.44 37.53 -24.41
C SER A 564 16.89 38.93 -24.85
N LYS A 565 15.98 39.73 -25.39
CA LYS A 565 16.28 41.04 -25.96
C LYS A 565 15.05 41.92 -25.82
N PRO A 566 15.21 43.24 -25.89
CA PRO A 566 14.04 44.13 -25.96
C PRO A 566 13.08 43.71 -27.08
N LEU A 567 11.78 43.67 -26.75
CA LEU A 567 10.76 43.23 -27.70
C LEU A 567 10.36 44.32 -28.69
N GLN A 568 10.53 45.59 -28.34
CA GLN A 568 10.26 46.67 -29.28
C GLN A 568 11.08 46.47 -30.55
N GLY A 569 10.40 46.49 -31.69
CA GLY A 569 11.10 46.35 -32.95
C GLY A 569 11.48 44.92 -33.27
N GLN A 570 10.82 43.94 -32.65
CA GLN A 570 11.05 42.55 -32.98
C GLN A 570 9.96 42.05 -33.92
N GLN A 571 10.38 41.38 -34.98
CA GLN A 571 9.45 40.65 -35.83
C GLN A 571 8.99 39.38 -35.12
N LYS A 572 7.69 39.30 -34.80
CA LYS A 572 7.17 38.11 -34.15
C LYS A 572 7.30 36.92 -35.08
N ARG A 573 7.84 35.82 -34.56
CA ARG A 573 7.95 34.61 -35.35
C ARG A 573 6.57 33.99 -35.55
N PRO A 574 6.26 33.53 -36.76
CA PRO A 574 4.99 32.84 -37.01
C PRO A 574 4.88 31.55 -36.22
N PHE A 575 3.63 31.14 -35.98
CA PHE A 575 3.36 29.94 -35.19
C PHE A 575 4.16 28.75 -35.70
N GLU A 576 4.22 28.56 -37.02
CA GLU A 576 4.92 27.45 -37.66
C GLU A 576 6.44 27.59 -37.64
N GLU A 577 6.99 28.68 -37.09
CA GLU A 577 8.43 28.90 -37.11
C GLU A 577 9.01 29.07 -35.72
N HIS A 578 8.25 28.73 -34.68
CA HIS A 578 8.77 28.72 -33.32
C HIS A 578 8.14 27.52 -32.62
N TRP A 579 8.58 27.27 -31.40
CA TRP A 579 8.16 26.04 -30.73
C TRP A 579 7.42 26.29 -29.42
N ARG A 580 7.04 27.53 -29.10
CA ARG A 580 6.23 27.74 -27.90
C ARG A 580 4.77 27.37 -28.20
N LYS A 581 4.55 26.06 -28.28
CA LYS A 581 3.27 25.45 -28.60
C LYS A 581 3.27 24.02 -28.11
N HIS A 582 2.08 23.53 -27.74
CA HIS A 582 1.95 22.13 -27.37
C HIS A 582 2.06 21.23 -28.59
N THR A 583 2.73 20.08 -28.43
CA THR A 583 2.65 18.99 -29.40
C THR A 583 1.35 18.22 -29.22
N LEU A 584 0.61 18.05 -30.30
CA LEU A 584 -0.52 17.12 -30.33
C LEU A 584 -0.13 15.91 -31.17
N SER A 585 -0.36 14.71 -30.66
CA SER A 585 0.07 13.49 -31.32
C SER A 585 -1.13 12.58 -31.56
N TYR A 586 -1.12 11.91 -32.71
CA TYR A 586 -2.17 11.00 -33.16
C TYR A 586 -1.53 9.72 -33.66
N VAL A 587 -2.21 8.59 -33.47
CA VAL A 587 -1.68 7.33 -33.99
C VAL A 587 -2.78 6.61 -34.75
N ASP A 588 -2.48 6.27 -36.00
CA ASP A 588 -3.23 5.24 -36.70
C ASP A 588 -2.84 3.91 -36.09
N VAL A 589 -3.75 3.30 -35.34
CA VAL A 589 -3.37 2.16 -34.51
C VAL A 589 -3.10 0.89 -35.32
N LYS A 590 -3.66 0.77 -36.53
CA LYS A 590 -3.30 -0.36 -37.39
C LYS A 590 -1.83 -0.30 -37.80
N SER A 591 -1.41 0.85 -38.34
CA SER A 591 -0.08 1.02 -38.93
C SER A 591 0.99 1.26 -37.88
N GLY A 592 0.66 2.00 -36.83
CA GLY A 592 1.66 2.57 -35.94
C GLY A 592 2.18 3.92 -36.37
N LYS A 593 1.57 4.56 -37.36
CA LYS A 593 2.06 5.81 -37.90
C LYS A 593 1.62 6.98 -37.04
N VAL A 594 2.56 7.82 -36.64
CA VAL A 594 2.27 8.99 -35.82
C VAL A 594 2.08 10.19 -36.72
N THR A 595 1.09 11.03 -36.37
CA THR A 595 0.84 12.33 -36.99
C THR A 595 0.92 13.38 -35.90
N LEU A 596 1.56 14.52 -36.21
CA LEU A 596 1.75 15.59 -35.24
C LEU A 596 1.07 16.87 -35.72
N LYS A 597 0.32 17.49 -34.82
CA LYS A 597 -0.21 18.85 -34.99
C LYS A 597 0.18 19.64 -33.74
N TYR A 598 -0.10 20.95 -33.73
CA TYR A 598 0.32 21.79 -32.62
C TYR A 598 -0.76 22.80 -32.29
N ARG A 599 -0.87 23.14 -31.00
CA ARG A 599 -1.83 24.12 -30.55
C ARG A 599 -1.14 25.13 -29.63
N PRO A 600 -1.68 26.35 -29.54
CA PRO A 600 -0.99 27.39 -28.76
C PRO A 600 -1.01 27.11 -27.26
N VAL A 601 0.05 27.58 -26.60
CA VAL A 601 0.06 27.68 -25.15
C VAL A 601 -0.89 28.80 -24.73
N ILE A 602 -1.70 28.52 -23.71
CA ILE A 602 -2.56 29.55 -23.12
C ILE A 602 -1.73 30.36 -22.12
N ASP A 603 -1.62 31.67 -22.37
CA ASP A 603 -0.86 32.56 -21.51
C ASP A 603 -1.72 33.39 -20.56
N ARG A 604 -3.02 33.48 -20.81
CA ARG A 604 -3.89 34.26 -19.94
C ARG A 604 -4.24 33.47 -18.68
N THR A 605 -4.51 34.20 -17.61
CA THR A 605 -4.91 33.64 -16.34
C THR A 605 -6.44 33.71 -16.22
N LEU A 606 -6.97 33.33 -15.07
CA LEU A 606 -8.41 33.46 -14.86
C LEU A 606 -8.81 34.89 -14.52
N ASN A 607 -7.86 35.75 -14.17
CA ASN A 607 -8.17 37.11 -13.74
C ASN A 607 -6.87 37.89 -13.74
N GLU A 608 -6.67 38.72 -14.76
CA GLU A 608 -5.41 39.45 -14.86
C GLU A 608 -5.21 40.40 -13.68
N GLU A 609 -6.30 40.96 -13.14
CA GLU A 609 -6.16 41.91 -12.03
C GLU A 609 -5.77 41.19 -10.76
N ASP A 610 -6.14 39.92 -10.63
CA ASP A 610 -5.81 39.13 -9.44
C ASP A 610 -4.48 38.44 -9.58
N CYS A 611 -4.10 38.05 -10.80
CA CYS A 611 -2.89 37.24 -11.02
C CYS A 611 -2.36 37.57 -12.40
N SER A 612 -1.26 38.31 -12.46
CA SER A 612 -0.71 38.74 -13.74
C SER A 612 -0.23 37.54 -14.55
N SER A 613 -0.53 37.54 -15.85
CA SER A 613 0.17 36.63 -16.75
C SER A 613 1.65 36.94 -16.72
N VAL A 614 2.47 35.90 -16.74
CA VAL A 614 3.92 35.96 -16.67
C VAL A 614 4.45 35.69 -18.08
N PRO A 615 5.00 36.68 -18.76
CA PRO A 615 5.50 36.45 -20.12
C PRO A 615 6.81 35.67 -20.10
N PRO A 616 7.14 34.97 -21.18
CA PRO A 616 8.40 34.22 -21.21
C PRO A 616 9.60 35.06 -20.81
N ALA A 617 10.67 34.40 -20.38
CA ALA A 617 11.88 35.10 -19.96
C ALA A 617 13.02 34.08 -20.00
N ILE A 618 14.24 34.57 -19.81
CA ILE A 618 15.34 33.65 -19.51
C ILE A 618 14.99 32.89 -18.25
N ARG A 619 15.41 31.63 -18.19
CA ARG A 619 15.05 30.72 -17.11
C ARG A 619 16.32 30.16 -16.47
N SER A 620 16.68 30.69 -15.30
CA SER A 620 17.91 30.30 -14.61
C SER A 620 17.64 30.06 -13.13
N TYR A 621 18.39 29.12 -12.56
CA TYR A 621 18.30 28.80 -11.13
C TYR A 621 19.65 28.93 -10.44
N THR B 8 30.25 -20.41 -13.72
CA THR B 8 29.98 -19.01 -13.99
C THR B 8 28.57 -18.64 -13.56
N SER B 9 27.84 -19.60 -12.98
CA SER B 9 26.45 -19.38 -12.63
C SER B 9 26.12 -20.08 -11.32
N ARG B 10 25.12 -19.54 -10.61
CA ARG B 10 24.62 -20.09 -9.36
C ARG B 10 23.12 -20.35 -9.52
N ILE B 11 22.75 -21.60 -9.73
CA ILE B 11 21.36 -21.98 -9.99
C ILE B 11 20.64 -22.16 -8.66
N LYS B 12 19.62 -21.33 -8.42
CA LYS B 12 18.77 -21.42 -7.24
C LYS B 12 17.42 -22.01 -7.63
N LYS B 13 16.86 -22.82 -6.75
CA LYS B 13 15.61 -23.54 -7.00
C LYS B 13 14.49 -22.91 -6.19
N PHE B 14 13.36 -22.68 -6.86
CA PHE B 14 12.15 -22.17 -6.23
C PHE B 14 11.04 -23.18 -6.49
N SER B 15 10.29 -23.53 -5.44
CA SER B 15 9.14 -24.41 -5.56
C SER B 15 7.91 -23.58 -5.20
N ILE B 16 7.05 -23.34 -6.18
CA ILE B 16 6.00 -22.32 -6.09
C ILE B 16 4.63 -22.96 -6.24
N TYR B 17 3.70 -22.52 -5.41
CA TYR B 17 2.33 -23.03 -5.40
C TYR B 17 1.62 -22.66 -6.71
N ARG B 18 0.94 -23.62 -7.32
CA ARG B 18 0.24 -23.46 -8.60
C ARG B 18 -1.19 -23.95 -8.50
N TRP B 19 -2.13 -23.17 -9.05
CA TRP B 19 -3.49 -23.65 -9.24
C TRP B 19 -4.14 -22.80 -10.31
N ASP B 20 -4.99 -23.42 -11.12
CA ASP B 20 -5.59 -22.78 -12.27
C ASP B 20 -7.10 -22.94 -12.22
N PRO B 21 -7.86 -21.86 -11.99
CA PRO B 21 -9.32 -22.01 -11.95
C PRO B 21 -9.94 -22.28 -13.32
N ASP B 22 -9.25 -21.98 -14.40
CA ASP B 22 -9.80 -22.21 -15.73
C ASP B 22 -9.54 -23.62 -16.24
N LYS B 23 -8.79 -24.42 -15.47
CA LYS B 23 -8.68 -25.85 -15.71
C LYS B 23 -9.70 -26.58 -14.86
N PRO B 24 -10.71 -27.22 -15.46
CA PRO B 24 -11.68 -27.98 -14.66
C PRO B 24 -11.02 -29.20 -14.04
N GLY B 25 -11.20 -29.35 -12.73
CA GLY B 25 -10.58 -30.45 -12.03
C GLY B 25 -9.11 -30.25 -11.71
N ASP B 26 -8.59 -29.05 -11.95
CA ASP B 26 -7.21 -28.73 -11.56
C ASP B 26 -7.10 -28.80 -10.05
N LYS B 27 -6.13 -29.57 -9.57
CA LYS B 27 -5.82 -29.63 -8.15
C LYS B 27 -4.49 -28.91 -7.88
N PRO B 28 -4.37 -28.24 -6.74
CA PRO B 28 -3.13 -27.50 -6.45
C PRO B 28 -1.91 -28.40 -6.56
N ARG B 29 -0.82 -27.85 -7.09
CA ARG B 29 0.45 -28.55 -7.18
C ARG B 29 1.56 -27.56 -6.79
N MET B 30 2.79 -28.04 -6.78
CA MET B 30 3.97 -27.19 -6.63
C MET B 30 4.84 -27.41 -7.86
N GLN B 31 5.35 -26.32 -8.43
CA GLN B 31 6.22 -26.39 -9.59
C GLN B 31 7.58 -25.80 -9.22
N THR B 32 8.64 -26.49 -9.61
CA THR B 32 10.00 -26.07 -9.34
C THR B 32 10.56 -25.33 -10.55
N TYR B 33 11.14 -24.16 -10.29
CA TYR B 33 11.87 -23.39 -11.30
C TYR B 33 13.32 -23.22 -10.87
N GLU B 34 14.23 -23.28 -11.84
CA GLU B 34 15.63 -22.99 -11.61
C GLU B 34 15.95 -21.59 -12.15
N VAL B 35 16.68 -20.80 -11.36
CA VAL B 35 16.98 -19.41 -11.67
C VAL B 35 18.46 -19.13 -11.39
N ASP B 36 19.17 -18.59 -12.38
CA ASP B 36 20.57 -18.19 -12.22
C ASP B 36 20.62 -16.86 -11.47
N LEU B 37 21.08 -16.91 -10.22
CA LEU B 37 21.14 -15.69 -9.40
C LEU B 37 22.10 -14.65 -9.95
N ASN B 38 23.06 -15.05 -10.80
CA ASN B 38 23.95 -14.08 -11.41
C ASN B 38 23.26 -13.24 -12.47
N LYS B 39 22.10 -13.69 -12.93
CA LYS B 39 21.33 -12.95 -13.92
C LYS B 39 19.96 -12.60 -13.37
N CYS B 40 19.92 -12.25 -12.08
CA CYS B 40 18.67 -11.92 -11.42
C CYS B 40 18.95 -10.90 -10.32
N GLY B 41 17.98 -10.02 -10.09
CA GLY B 41 18.01 -9.10 -8.97
C GLY B 41 17.99 -9.82 -7.64
N PRO B 42 18.17 -9.07 -6.54
CA PRO B 42 18.43 -9.71 -5.25
C PRO B 42 17.17 -10.14 -4.48
N MET B 43 15.98 -9.79 -4.96
CA MET B 43 14.73 -9.99 -4.24
C MET B 43 13.88 -11.08 -4.90
N VAL B 44 13.07 -11.75 -4.09
CA VAL B 44 12.26 -12.86 -4.59
C VAL B 44 11.30 -12.42 -5.70
N LEU B 45 10.71 -11.21 -5.57
CA LEU B 45 9.87 -10.68 -6.65
C LEU B 45 10.67 -10.57 -7.95
N ASP B 46 11.94 -10.22 -7.86
CA ASP B 46 12.79 -10.22 -9.04
C ASP B 46 12.91 -11.62 -9.62
N ALA B 47 12.89 -12.66 -8.78
CA ALA B 47 12.91 -14.02 -9.29
C ALA B 47 11.57 -14.40 -9.90
N LEU B 48 10.47 -13.97 -9.27
CA LEU B 48 9.16 -14.30 -9.82
C LEU B 48 8.92 -13.61 -11.16
N ILE B 49 9.36 -12.35 -11.29
CA ILE B 49 9.26 -11.64 -12.56
C ILE B 49 10.14 -12.30 -13.62
N LYS B 50 11.37 -12.70 -13.24
CA LYS B 50 12.24 -13.39 -14.18
C LYS B 50 11.63 -14.70 -14.66
N ILE B 51 11.10 -15.51 -13.73
CA ILE B 51 10.44 -16.76 -14.09
C ILE B 51 9.26 -16.51 -15.02
N LYS B 52 8.44 -15.51 -14.71
CA LYS B 52 7.27 -15.21 -15.54
C LYS B 52 7.69 -14.78 -16.95
N ASN B 53 8.67 -13.87 -17.04
CA ASN B 53 9.09 -13.34 -18.33
C ASN B 53 9.84 -14.37 -19.18
N GLU B 54 10.57 -15.29 -18.54
CA GLU B 54 11.55 -16.10 -19.26
C GLU B 54 11.23 -17.59 -19.32
N LEU B 55 10.46 -18.12 -18.38
CA LEU B 55 10.22 -19.55 -18.25
C LEU B 55 8.75 -19.94 -18.25
N ASP B 56 7.88 -19.13 -17.67
CA ASP B 56 6.49 -19.55 -17.49
C ASP B 56 5.58 -18.34 -17.27
N SER B 57 5.15 -17.70 -18.36
CA SER B 57 4.30 -16.51 -18.26
C SER B 57 2.92 -16.81 -17.70
N THR B 58 2.63 -18.07 -17.40
CA THR B 58 1.37 -18.45 -16.75
C THR B 58 1.44 -18.31 -15.24
N LEU B 59 2.63 -18.14 -14.67
CA LEU B 59 2.77 -17.94 -13.23
C LEU B 59 2.20 -16.57 -12.88
N THR B 60 1.23 -16.54 -11.97
CA THR B 60 0.41 -15.36 -11.73
C THR B 60 0.52 -14.90 -10.28
N PHE B 61 0.70 -13.60 -10.08
CA PHE B 61 0.86 -13.03 -8.73
C PHE B 61 0.61 -11.53 -8.82
N ARG B 62 0.29 -10.92 -7.67
CA ARG B 62 0.12 -9.46 -7.59
C ARG B 62 1.45 -8.79 -7.28
N ARG B 63 1.73 -7.69 -7.99
CA ARG B 63 2.87 -6.84 -7.72
C ARG B 63 2.63 -5.48 -8.38
N SER B 64 3.29 -4.45 -7.85
CA SER B 64 3.21 -3.13 -8.49
C SER B 64 4.42 -2.26 -8.21
N CYS B 65 4.64 -1.90 -6.95
CA CYS B 65 5.60 -0.84 -6.62
C CYS B 65 7.06 -1.31 -6.61
N ARG B 66 7.30 -2.61 -6.40
CA ARG B 66 8.60 -3.25 -6.14
C ARG B 66 9.53 -2.55 -5.14
N GLU B 67 9.01 -1.69 -4.25
CA GLU B 67 9.84 -1.14 -3.18
C GLU B 67 9.21 -1.28 -1.80
N GLY B 68 8.21 -2.16 -1.65
CA GLY B 68 7.67 -2.45 -0.33
C GLY B 68 6.71 -1.42 0.21
N ILE B 69 6.13 -0.58 -0.63
CA ILE B 69 5.25 0.47 -0.16
C ILE B 69 3.80 0.25 -0.57
N CYS B 70 3.52 -0.52 -1.64
CA CYS B 70 2.13 -0.67 -2.07
C CYS B 70 1.40 -1.81 -1.38
N GLY B 71 2.12 -2.82 -0.88
CA GLY B 71 1.54 -3.98 -0.24
C GLY B 71 1.06 -5.07 -1.16
N SER B 72 1.25 -4.94 -2.49
CA SER B 72 0.57 -5.83 -3.42
C SER B 72 1.08 -7.27 -3.31
N CYS B 73 2.39 -7.45 -3.09
CA CYS B 73 3.07 -8.72 -3.31
C CYS B 73 3.21 -9.57 -2.04
N ALA B 74 2.35 -9.36 -1.05
CA ALA B 74 2.38 -10.20 0.13
C ALA B 74 2.14 -11.66 -0.24
N MET B 75 3.05 -12.52 0.20
CA MET B 75 2.92 -13.97 0.02
C MET B 75 3.71 -14.64 1.14
N ASN B 76 3.74 -15.97 1.12
CA ASN B 76 4.45 -16.76 2.14
C ASN B 76 5.71 -17.33 1.50
N ILE B 77 6.86 -16.84 1.96
CA ILE B 77 8.16 -17.17 1.38
C ILE B 77 9.02 -17.77 2.49
N ALA B 78 9.47 -19.01 2.29
CA ALA B 78 10.35 -19.68 3.24
C ALA B 78 9.70 -19.75 4.61
N GLY B 79 8.39 -19.97 4.63
CA GLY B 79 7.64 -20.20 5.85
C GLY B 79 6.98 -18.97 6.45
N GLY B 80 7.39 -17.77 6.08
CA GLY B 80 6.84 -16.55 6.67
C GLY B 80 6.25 -15.61 5.64
N ASN B 81 5.14 -14.96 6.03
CA ASN B 81 4.53 -13.91 5.23
C ASN B 81 5.46 -12.70 5.13
N THR B 82 5.70 -12.24 3.90
CA THR B 82 6.54 -11.06 3.69
C THR B 82 6.20 -10.45 2.34
N LEU B 83 6.89 -9.36 2.01
CA LEU B 83 6.75 -8.73 0.70
C LEU B 83 7.81 -9.32 -0.21
N ALA B 84 7.38 -9.92 -1.31
CA ALA B 84 8.33 -10.53 -2.23
C ALA B 84 9.37 -9.53 -2.73
N CYS B 85 9.03 -8.25 -2.78
CA CYS B 85 9.87 -7.23 -3.38
C CYS B 85 10.91 -6.66 -2.42
N THR B 86 10.83 -6.98 -1.13
CA THR B 86 11.86 -6.59 -0.17
C THR B 86 12.45 -7.80 0.55
N LYS B 87 12.18 -9.00 0.07
CA LYS B 87 12.62 -10.24 0.72
C LYS B 87 13.82 -10.74 -0.04
N LYS B 88 15.00 -10.63 0.57
CA LYS B 88 16.23 -11.06 -0.09
C LYS B 88 16.13 -12.51 -0.52
N ILE B 89 16.58 -12.80 -1.74
CA ILE B 89 16.73 -14.18 -2.19
C ILE B 89 17.74 -14.89 -1.31
N ASP B 90 17.38 -16.05 -0.82
CA ASP B 90 18.29 -16.86 -0.01
C ASP B 90 19.28 -17.58 -0.89
N PRO B 91 20.55 -17.13 -0.98
CA PRO B 91 21.48 -17.66 -1.98
C PRO B 91 22.08 -19.02 -1.66
N ASP B 92 21.68 -19.67 -0.56
CA ASP B 92 22.12 -21.02 -0.26
C ASP B 92 21.47 -21.95 -1.28
N LEU B 93 22.25 -22.38 -2.26
CA LEU B 93 21.72 -23.14 -3.39
C LEU B 93 21.29 -24.55 -3.01
N SER B 94 21.80 -25.08 -1.90
CA SER B 94 21.33 -26.37 -1.41
C SER B 94 19.90 -26.34 -0.93
N LYS B 95 19.33 -25.15 -0.71
CA LYS B 95 17.97 -25.00 -0.22
C LYS B 95 17.06 -24.49 -1.33
N THR B 96 15.95 -25.20 -1.54
CA THR B 96 14.87 -24.75 -2.41
C THR B 96 13.95 -23.86 -1.59
N THR B 97 13.70 -22.65 -2.08
CA THR B 97 12.73 -21.75 -1.46
C THR B 97 11.32 -22.16 -1.85
N LYS B 98 10.48 -22.39 -0.84
CA LYS B 98 9.06 -22.67 -1.07
C LYS B 98 8.25 -21.38 -1.00
N ILE B 99 7.42 -21.15 -2.01
CA ILE B 99 6.61 -19.94 -2.11
C ILE B 99 5.14 -20.33 -2.18
N TYR B 100 4.35 -19.86 -1.21
CA TYR B 100 2.92 -20.15 -1.09
C TYR B 100 2.11 -18.85 -1.07
N PRO B 101 0.80 -18.94 -1.33
CA PRO B 101 -0.07 -17.76 -1.13
C PRO B 101 -0.16 -17.42 0.34
N LEU B 102 -0.70 -16.24 0.63
CA LEU B 102 -0.97 -15.91 2.02
C LEU B 102 -1.81 -17.03 2.64
N PRO B 103 -1.53 -17.43 3.87
CA PRO B 103 -2.06 -18.70 4.38
C PRO B 103 -3.53 -18.62 4.75
N HIS B 104 -4.22 -19.76 4.58
CA HIS B 104 -5.62 -19.92 4.95
C HIS B 104 -6.50 -18.85 4.30
N MET B 105 -6.32 -18.69 2.98
CA MET B 105 -7.16 -17.80 2.17
C MET B 105 -7.66 -18.56 0.96
N TYR B 106 -8.83 -18.16 0.46
CA TYR B 106 -9.31 -18.74 -0.80
C TYR B 106 -8.42 -18.26 -1.94
N VAL B 107 -7.92 -19.20 -2.73
CA VAL B 107 -6.92 -18.90 -3.76
C VAL B 107 -7.66 -18.60 -5.05
N VAL B 108 -7.59 -17.33 -5.50
CA VAL B 108 -8.17 -16.95 -6.80
C VAL B 108 -7.46 -17.69 -7.92
N LYS B 109 -6.13 -17.70 -7.89
CA LYS B 109 -5.27 -18.35 -8.88
C LYS B 109 -3.83 -18.24 -8.41
N ASP B 110 -3.07 -19.34 -8.51
CA ASP B 110 -1.66 -19.39 -8.13
C ASP B 110 -1.40 -18.71 -6.78
N LEU B 111 -0.75 -17.54 -6.81
CA LEU B 111 -0.34 -16.82 -5.61
C LEU B 111 -1.25 -15.65 -5.28
N VAL B 112 -2.45 -15.62 -5.85
CA VAL B 112 -3.35 -14.50 -5.69
C VAL B 112 -4.47 -14.93 -4.75
N PRO B 113 -4.53 -14.41 -3.52
CA PRO B 113 -5.64 -14.69 -2.62
C PRO B 113 -6.77 -13.67 -2.79
N ASP B 114 -7.96 -14.09 -2.38
CA ASP B 114 -9.10 -13.18 -2.32
C ASP B 114 -9.04 -12.36 -1.04
N LEU B 115 -8.68 -11.08 -1.14
CA LEU B 115 -8.50 -10.21 0.02
C LEU B 115 -9.74 -9.38 0.36
N SER B 116 -10.92 -9.69 -0.21
CA SER B 116 -11.99 -8.70 -0.09
C SER B 116 -12.72 -8.74 1.26
N ASN B 117 -12.72 -9.88 1.97
CA ASN B 117 -13.18 -9.87 3.36
C ASN B 117 -12.26 -8.99 4.21
N PHE B 118 -10.95 -9.19 4.04
CA PHE B 118 -9.97 -8.32 4.69
C PHE B 118 -10.30 -6.85 4.43
N TYR B 119 -10.50 -6.49 3.15
CA TYR B 119 -10.90 -5.13 2.81
C TYR B 119 -12.23 -4.75 3.46
N ALA B 120 -13.19 -5.68 3.53
CA ALA B 120 -14.46 -5.30 4.13
C ALA B 120 -14.35 -5.09 5.64
N GLN B 121 -13.44 -5.81 6.30
CA GLN B 121 -13.26 -5.60 7.74
C GLN B 121 -12.65 -4.23 8.02
N TYR B 122 -11.69 -3.80 7.19
CA TYR B 122 -11.17 -2.44 7.30
C TYR B 122 -12.26 -1.39 7.09
N LYS B 123 -13.06 -1.55 6.04
CA LYS B 123 -14.17 -0.62 5.86
C LYS B 123 -15.02 -0.52 7.12
N SER B 124 -15.22 -1.64 7.80
CA SER B 124 -16.20 -1.75 8.87
C SER B 124 -15.87 -0.90 10.08
N ILE B 125 -14.60 -0.55 10.30
CA ILE B 125 -14.21 0.23 11.47
C ILE B 125 -14.20 1.72 11.18
N GLU B 126 -14.63 2.09 9.96
CA GLU B 126 -14.74 3.48 9.49
C GLU B 126 -13.40 4.19 9.57
N PRO B 127 -12.46 3.86 8.68
CA PRO B 127 -11.08 4.34 8.78
C PRO B 127 -10.90 5.74 8.19
N TYR B 128 -11.53 6.72 8.82
CA TYR B 128 -11.51 8.09 8.34
C TYR B 128 -11.83 9.01 9.50
N LEU B 129 -11.24 10.20 9.48
CA LEU B 129 -11.46 11.15 10.55
C LEU B 129 -12.94 11.50 10.66
N LYS B 130 -13.48 11.46 11.90
CA LYS B 130 -14.86 11.84 12.19
C LYS B 130 -14.85 12.91 13.27
N LYS B 131 -15.58 14.00 13.01
CA LYS B 131 -15.79 15.03 14.02
C LYS B 131 -17.29 15.21 14.25
N LYS B 132 -17.62 15.75 15.43
CA LYS B 132 -19.02 15.99 15.77
C LYS B 132 -19.59 17.11 14.92
N ASP B 133 -19.05 18.33 15.06
CA ASP B 133 -19.40 19.44 14.16
C ASP B 133 -18.46 19.38 12.98
N GLU B 134 -18.91 18.73 11.91
CA GLU B 134 -18.17 18.65 10.65
C GLU B 134 -18.61 19.74 9.66
N SER B 135 -19.52 20.63 10.06
CA SER B 135 -19.95 21.74 9.20
C SER B 135 -18.80 22.69 8.87
N LYS B 136 -17.72 22.65 9.65
CA LYS B 136 -16.60 23.57 9.52
C LYS B 136 -15.44 22.97 8.75
N GLN B 137 -15.63 21.84 8.06
CA GLN B 137 -14.53 21.18 7.37
C GLN B 137 -14.38 21.72 5.95
N GLY B 138 -13.11 21.85 5.53
CA GLY B 138 -12.75 22.61 4.37
C GLY B 138 -12.36 24.06 4.64
N LYS B 139 -12.53 24.55 5.86
CA LYS B 139 -12.26 25.95 6.20
C LYS B 139 -10.82 26.16 6.70
N GLU B 140 -10.46 25.52 7.82
CA GLU B 140 -9.14 25.71 8.41
C GLU B 140 -8.48 24.38 8.72
N GLN B 141 -7.15 24.40 8.78
CA GLN B 141 -6.46 23.22 9.26
C GLN B 141 -6.73 23.03 10.74
N TYR B 142 -7.06 21.80 11.11
CA TYR B 142 -7.14 21.43 12.51
C TYR B 142 -5.76 21.52 13.12
N LEU B 143 -5.70 21.98 14.36
CA LEU B 143 -4.42 22.03 15.07
C LEU B 143 -4.12 20.66 15.68
N GLN B 144 -2.85 20.25 15.58
CA GLN B 144 -2.40 19.06 16.27
C GLN B 144 -0.94 19.25 16.66
N SER B 145 -0.67 19.09 17.95
CA SER B 145 0.68 19.27 18.47
C SER B 145 1.63 18.25 17.85
N ILE B 146 2.93 18.60 17.88
CA ILE B 146 3.97 17.65 17.52
C ILE B 146 3.87 16.39 18.36
N GLU B 147 3.56 16.55 19.66
CA GLU B 147 3.47 15.43 20.57
C GLU B 147 2.30 14.51 20.21
N ASP B 148 1.14 15.09 19.92
CA ASP B 148 -0.02 14.28 19.56
C ASP B 148 0.10 13.66 18.17
N ARG B 149 0.89 14.28 17.29
CA ARG B 149 1.17 13.66 16.00
C ARG B 149 2.09 12.46 16.19
N GLN B 150 3.00 12.52 17.17
CA GLN B 150 3.96 11.44 17.39
C GLN B 150 3.27 10.14 17.78
N LYS B 151 2.12 10.23 18.46
CA LYS B 151 1.35 9.04 18.78
C LYS B 151 0.96 8.23 17.54
N LEU B 152 0.92 8.84 16.35
CA LEU B 152 0.51 8.07 15.18
C LEU B 152 1.66 7.32 14.51
N ASP B 153 2.91 7.65 14.90
CA ASP B 153 4.07 6.94 14.37
C ASP B 153 3.99 5.46 14.76
N GLY B 154 4.29 4.59 13.80
CA GLY B 154 4.16 3.16 13.99
C GLY B 154 2.77 2.63 13.76
N LEU B 155 1.77 3.50 13.56
CA LEU B 155 0.42 3.07 13.21
C LEU B 155 0.04 3.44 11.78
N TYR B 156 0.31 4.69 11.37
CA TYR B 156 -0.16 5.13 10.07
C TYR B 156 0.63 4.51 8.91
N GLU B 157 1.86 4.02 9.15
CA GLU B 157 2.70 3.48 8.08
C GLU B 157 2.18 2.18 7.51
N CYS B 158 1.14 1.61 8.10
CA CYS B 158 0.64 0.33 7.64
C CYS B 158 0.26 0.40 6.16
N ILE B 159 0.63 -0.62 5.39
CA ILE B 159 0.39 -0.65 3.95
C ILE B 159 -0.76 -1.60 3.57
N LEU B 160 -1.46 -2.14 4.57
CA LEU B 160 -2.55 -3.11 4.36
C LEU B 160 -2.14 -4.22 3.39
N CYS B 161 -1.01 -4.86 3.68
CA CYS B 161 -0.57 -6.00 2.87
C CYS B 161 -1.24 -7.30 3.29
N ALA B 162 -1.81 -7.35 4.51
CA ALA B 162 -2.46 -8.50 5.11
C ALA B 162 -1.48 -9.59 5.56
N CYS B 163 -0.17 -9.28 5.63
CA CYS B 163 0.80 -10.27 6.10
C CYS B 163 0.55 -10.64 7.56
N CYS B 164 0.31 -9.65 8.41
CA CYS B 164 0.10 -9.92 9.83
C CYS B 164 -1.18 -10.70 10.07
N SER B 165 -2.30 -10.22 9.53
CA SER B 165 -3.57 -10.89 9.74
C SER B 165 -3.55 -12.33 9.24
N THR B 166 -2.95 -12.57 8.07
CA THR B 166 -2.94 -13.93 7.54
C THR B 166 -1.85 -14.79 8.17
N SER B 167 -1.10 -14.26 9.13
CA SER B 167 -0.22 -15.06 9.96
C SER B 167 -0.81 -15.34 11.33
N CYS B 168 -1.95 -14.74 11.66
CA CYS B 168 -2.51 -14.88 12.99
C CYS B 168 -3.41 -16.11 13.03
N PRO B 169 -3.11 -17.10 13.88
CA PRO B 169 -3.96 -18.29 13.95
C PRO B 169 -5.39 -18.00 14.35
N SER B 170 -5.63 -16.93 15.12
CA SER B 170 -6.99 -16.56 15.49
C SER B 170 -7.78 -16.16 14.26
N TYR B 171 -7.15 -15.37 13.38
CA TYR B 171 -7.74 -15.01 12.11
C TYR B 171 -7.87 -16.21 11.19
N TRP B 172 -7.08 -17.27 11.40
CA TRP B 172 -7.28 -18.50 10.63
C TRP B 172 -8.58 -19.19 11.02
N TRP B 173 -8.89 -19.26 12.33
CA TRP B 173 -10.07 -20.02 12.75
C TRP B 173 -11.33 -19.17 12.77
N ASN B 174 -11.19 -17.84 12.92
CA ASN B 174 -12.35 -16.98 13.08
C ASN B 174 -12.24 -15.72 12.24
N GLY B 175 -11.62 -15.81 11.07
CA GLY B 175 -11.50 -14.63 10.23
C GLY B 175 -12.81 -14.08 9.76
N ASP B 176 -13.91 -14.83 9.94
CA ASP B 176 -15.22 -14.28 9.55
C ASP B 176 -15.66 -13.21 10.52
N LYS B 177 -15.24 -13.31 11.78
CA LYS B 177 -15.73 -12.43 12.85
C LYS B 177 -14.64 -11.67 13.62
N TYR B 178 -13.38 -12.09 13.54
CA TYR B 178 -12.26 -11.41 14.18
C TYR B 178 -11.59 -10.49 13.16
N LEU B 179 -11.44 -9.20 13.52
CA LEU B 179 -11.03 -8.19 12.54
C LEU B 179 -9.59 -8.39 12.10
N GLY B 180 -8.76 -8.99 12.96
CA GLY B 180 -7.38 -9.25 12.63
C GLY B 180 -6.49 -8.10 13.04
N PRO B 181 -5.18 -8.36 13.13
CA PRO B 181 -4.26 -7.30 13.60
C PRO B 181 -4.18 -6.07 12.69
N ALA B 182 -4.23 -6.23 11.37
CA ALA B 182 -4.13 -5.06 10.49
C ALA B 182 -5.26 -4.07 10.76
N VAL B 183 -6.51 -4.53 10.71
CA VAL B 183 -7.66 -3.66 10.86
C VAL B 183 -7.76 -3.13 12.28
N LEU B 184 -7.44 -3.95 13.27
CA LEU B 184 -7.46 -3.49 14.65
C LEU B 184 -6.41 -2.42 14.91
N MET B 185 -5.20 -2.57 14.37
CA MET B 185 -4.23 -1.51 14.63
C MET B 185 -4.67 -0.20 13.98
N GLN B 186 -5.41 -0.27 12.89
CA GLN B 186 -5.93 0.95 12.25
C GLN B 186 -7.09 1.54 13.03
N ALA B 187 -7.94 0.69 13.62
CA ALA B 187 -8.94 1.20 14.56
C ALA B 187 -8.26 2.00 15.68
N TYR B 188 -7.18 1.47 16.24
CA TYR B 188 -6.42 2.21 17.25
C TYR B 188 -5.77 3.47 16.65
N ARG B 189 -5.29 3.40 15.40
CA ARG B 189 -4.74 4.60 14.77
C ARG B 189 -5.75 5.75 14.77
N TRP B 190 -7.05 5.45 14.64
CA TRP B 190 -8.09 6.48 14.69
C TRP B 190 -8.58 6.75 16.12
N MET B 191 -8.46 5.77 17.02
CA MET B 191 -8.87 6.00 18.40
C MET B 191 -7.97 7.03 19.07
N ILE B 192 -6.66 7.00 18.78
CA ILE B 192 -5.76 7.93 19.44
C ILE B 192 -5.40 9.13 18.56
N ASP B 193 -6.01 9.26 17.37
CA ASP B 193 -5.84 10.51 16.62
C ASP B 193 -6.53 11.62 17.40
N SER B 194 -5.75 12.62 17.84
CA SER B 194 -6.31 13.64 18.71
C SER B 194 -7.33 14.52 18.01
N ARG B 195 -7.38 14.47 16.68
CA ARG B 195 -8.40 15.20 15.92
C ARG B 195 -9.75 14.47 15.87
N ASP B 196 -9.81 13.20 16.25
CA ASP B 196 -11.03 12.39 16.10
C ASP B 196 -11.91 12.47 17.35
N ASP B 197 -13.23 12.56 17.13
CA ASP B 197 -14.19 12.80 18.20
C ASP B 197 -15.03 11.57 18.53
N TYR B 198 -14.72 10.43 17.92
CA TYR B 198 -15.53 9.21 18.06
C TYR B 198 -14.75 8.09 18.75
N THR B 199 -13.81 8.44 19.61
CA THR B 199 -13.02 7.42 20.29
C THR B 199 -13.92 6.44 21.02
N GLU B 200 -15.02 6.92 21.60
CA GLU B 200 -15.82 6.03 22.43
C GLU B 200 -16.70 5.11 21.58
N GLU B 201 -17.33 5.66 20.54
CA GLU B 201 -18.08 4.83 19.60
C GLU B 201 -17.20 3.77 18.97
N ARG B 202 -15.91 4.08 18.74
CA ARG B 202 -15.01 3.14 18.08
C ARG B 202 -14.64 2.00 19.01
N LEU B 203 -14.52 2.29 20.31
CA LEU B 203 -14.33 1.23 21.30
C LEU B 203 -15.61 0.41 21.46
N ALA B 204 -16.75 1.07 21.63
CA ALA B 204 -18.04 0.40 21.73
C ALA B 204 -18.22 -0.69 20.68
N GLN B 205 -17.72 -0.45 19.46
CA GLN B 205 -17.93 -1.37 18.35
C GLN B 205 -17.23 -2.72 18.56
N LEU B 206 -16.20 -2.75 19.37
CA LEU B 206 -15.44 -3.96 19.65
C LEU B 206 -15.98 -4.71 20.89
N GLN B 207 -17.20 -4.40 21.34
CA GLN B 207 -17.77 -5.04 22.53
C GLN B 207 -18.56 -6.29 22.13
N ASP B 208 -17.82 -7.32 21.77
CA ASP B 208 -18.39 -8.62 21.43
C ASP B 208 -17.28 -9.66 21.59
N PRO B 209 -17.62 -10.95 21.58
CA PRO B 209 -16.58 -11.96 21.84
C PRO B 209 -15.49 -12.04 20.77
N PHE B 210 -15.73 -11.55 19.55
CA PHE B 210 -14.85 -11.87 18.42
C PHE B 210 -14.03 -10.71 17.87
N SER B 211 -14.62 -9.53 17.66
CA SER B 211 -13.96 -8.50 16.82
C SER B 211 -12.55 -8.20 17.29
N LEU B 212 -12.34 -8.12 18.60
CA LEU B 212 -11.05 -7.86 19.19
C LEU B 212 -10.57 -8.98 20.10
N TYR B 213 -11.48 -9.69 20.75
CA TYR B 213 -11.10 -10.57 21.84
C TYR B 213 -10.75 -11.97 21.39
N ARG B 214 -10.77 -12.25 20.07
CA ARG B 214 -10.08 -13.47 19.64
C ARG B 214 -8.56 -13.31 19.67
N CYS B 215 -8.03 -12.13 19.98
CA CYS B 215 -6.58 -11.95 20.12
C CYS B 215 -6.11 -12.49 21.46
N HIS B 216 -5.31 -13.56 21.41
CA HIS B 216 -4.70 -14.17 22.57
C HIS B 216 -3.19 -13.95 22.59
N THR B 217 -2.72 -12.86 21.95
CA THR B 217 -1.35 -12.38 22.14
C THR B 217 -0.32 -13.40 21.65
N ILE B 218 -0.59 -14.01 20.50
CA ILE B 218 0.32 -14.98 19.91
C ILE B 218 1.58 -14.33 19.35
N MET B 219 1.51 -13.04 19.00
CA MET B 219 2.61 -12.20 18.55
C MET B 219 3.19 -12.64 17.21
N ASN B 220 2.44 -13.39 16.40
CA ASN B 220 2.93 -13.70 15.06
C ASN B 220 2.83 -12.48 14.14
N CYS B 221 1.79 -11.66 14.34
CA CYS B 221 1.62 -10.43 13.57
C CYS B 221 2.87 -9.56 13.64
N THR B 222 3.38 -9.34 14.84
CA THR B 222 4.55 -8.48 14.95
C THR B 222 5.77 -9.11 14.34
N ARG B 223 5.92 -10.44 14.45
CA ARG B 223 7.07 -11.07 13.82
C ARG B 223 7.08 -10.87 12.30
N THR B 224 5.91 -10.84 11.68
CA THR B 224 5.83 -10.97 10.24
C THR B 224 5.75 -9.63 9.50
N CYS B 225 5.39 -8.55 10.21
CA CYS B 225 5.14 -7.28 9.55
C CYS B 225 6.37 -6.76 8.82
N PRO B 226 6.30 -6.56 7.51
CA PRO B 226 7.47 -6.08 6.75
C PRO B 226 7.77 -4.61 6.93
N LYS B 227 6.90 -3.85 7.60
CA LYS B 227 7.18 -2.46 7.92
C LYS B 227 7.79 -2.30 9.32
N GLY B 228 8.01 -3.39 10.05
CA GLY B 228 8.51 -3.27 11.41
C GLY B 228 7.51 -2.74 12.41
N LEU B 229 6.23 -2.77 12.08
CA LEU B 229 5.19 -2.28 12.99
C LEU B 229 4.82 -3.36 14.01
N ASN B 230 4.02 -2.97 15.00
CA ASN B 230 3.71 -3.82 16.15
C ASN B 230 2.21 -3.84 16.40
N PRO B 231 1.44 -4.58 15.59
CA PRO B 231 0.00 -4.61 15.83
C PRO B 231 -0.38 -5.29 17.13
N GLY B 232 0.40 -6.28 17.59
CA GLY B 232 0.17 -6.83 18.91
C GLY B 232 0.16 -5.78 20.01
N LYS B 233 1.15 -4.87 19.98
CA LYS B 233 1.20 -3.80 20.97
C LYS B 233 -0.01 -2.89 20.86
N ALA B 234 -0.44 -2.63 19.62
CA ALA B 234 -1.59 -1.76 19.41
C ALA B 234 -2.87 -2.42 19.92
N ILE B 235 -3.00 -3.73 19.72
CA ILE B 235 -4.17 -4.45 20.20
C ILE B 235 -4.22 -4.45 21.73
N ALA B 236 -3.06 -4.42 22.35
CA ALA B 236 -3.01 -4.44 23.81
C ALA B 236 -3.35 -3.07 24.37
N GLU B 237 -3.04 -1.99 23.64
CA GLU B 237 -3.48 -0.68 24.08
C GLU B 237 -4.98 -0.50 23.85
N ILE B 238 -5.53 -1.09 22.79
CA ILE B 238 -6.98 -1.11 22.63
C ILE B 238 -7.61 -1.79 23.83
N LYS B 239 -7.09 -2.96 24.21
CA LYS B 239 -7.65 -3.72 25.33
C LYS B 239 -7.64 -2.89 26.61
N LYS B 240 -6.55 -2.15 26.85
CA LYS B 240 -6.50 -1.33 28.05
C LYS B 240 -7.56 -0.22 28.01
N MET B 241 -7.80 0.34 26.82
CA MET B 241 -8.83 1.37 26.66
C MET B 241 -10.22 0.81 26.83
N MET B 242 -10.47 -0.40 26.32
CA MET B 242 -11.77 -1.03 26.49
C MET B 242 -12.14 -1.15 27.97
N ALA B 243 -11.19 -1.54 28.80
CA ALA B 243 -11.50 -1.80 30.21
C ALA B 243 -11.60 -0.52 31.06
N THR B 244 -11.24 0.66 30.53
CA THR B 244 -11.15 1.86 31.36
C THR B 244 -12.06 3.01 30.95
N TYR B 245 -12.60 3.02 29.73
CA TYR B 245 -13.41 4.15 29.27
C TYR B 245 -14.82 4.15 29.90
N LYS B 246 -15.41 5.33 29.96
CA LYS B 246 -16.75 5.54 30.52
C LYS B 246 -17.72 5.94 29.40
N GLU B 247 -18.93 5.36 29.43
CA GLU B 247 -19.97 5.68 28.45
C GLU B 247 -20.56 7.08 28.69
N ALA C 2 -21.83 0.05 -4.31
CA ALA C 2 -22.50 0.81 -3.26
C ALA C 2 -22.93 -0.12 -2.14
N THR C 3 -22.04 -1.02 -1.71
CA THR C 3 -22.32 -2.06 -0.73
C THR C 3 -21.67 -1.76 0.61
N THR C 4 -22.41 -2.01 1.70
CA THR C 4 -21.87 -1.90 3.04
C THR C 4 -20.90 -3.04 3.34
N ALA C 5 -20.09 -2.84 4.38
CA ALA C 5 -19.09 -3.82 4.79
C ALA C 5 -19.72 -5.17 5.13
N LYS C 6 -20.86 -5.16 5.85
CA LYS C 6 -21.57 -6.40 6.15
C LYS C 6 -22.00 -7.12 4.87
N GLU C 7 -22.53 -6.39 3.89
CA GLU C 7 -22.90 -7.03 2.63
C GLU C 7 -21.68 -7.59 1.90
N GLU C 8 -20.58 -6.82 1.88
CA GLU C 8 -19.35 -7.33 1.30
C GLU C 8 -18.87 -8.60 2.00
N MET C 9 -18.92 -8.63 3.34
CA MET C 9 -18.52 -9.85 4.06
C MET C 9 -19.39 -11.04 3.65
N ALA C 10 -20.72 -10.86 3.67
CA ALA C 10 -21.60 -11.98 3.34
C ALA C 10 -21.45 -12.41 1.89
N ARG C 11 -21.23 -11.46 0.98
CA ARG C 11 -20.99 -11.82 -0.42
C ARG C 11 -19.70 -12.63 -0.56
N PHE C 12 -18.69 -12.31 0.24
CA PHE C 12 -17.43 -13.04 0.19
C PHE C 12 -17.61 -14.50 0.55
N TRP C 13 -18.39 -14.78 1.60
CA TRP C 13 -18.56 -16.15 2.04
C TRP C 13 -19.49 -16.92 1.10
N GLU C 14 -20.57 -16.30 0.65
CA GLU C 14 -21.45 -16.85 -0.36
C GLU C 14 -20.67 -17.26 -1.61
N ASN C 16 -17.29 -17.57 -2.07
CA ASN C 16 -16.17 -18.50 -1.95
C ASN C 16 -16.54 -19.91 -1.45
N THR C 17 -17.45 -20.02 -0.45
CA THR C 17 -17.78 -21.36 0.05
C THR C 17 -18.51 -22.21 -0.99
N LYS C 18 -19.12 -21.61 -2.01
CA LYS C 18 -19.76 -22.37 -3.08
C LYS C 18 -18.86 -22.54 -4.30
N SER C 19 -17.68 -21.93 -4.31
CA SER C 19 -16.76 -21.97 -5.44
C SER C 19 -15.93 -23.25 -5.44
N SER C 20 -15.13 -23.41 -6.49
CA SER C 20 -14.14 -24.48 -6.57
C SER C 20 -12.78 -24.05 -6.04
N ARG C 21 -12.68 -22.86 -5.44
CA ARG C 21 -11.39 -22.33 -5.00
C ARG C 21 -10.81 -23.17 -3.85
N PRO C 22 -9.48 -23.35 -3.82
CA PRO C 22 -8.85 -23.97 -2.66
C PRO C 22 -8.55 -22.96 -1.55
N LEU C 23 -8.56 -23.48 -0.32
CA LEU C 23 -7.95 -22.79 0.80
C LEU C 23 -6.44 -23.07 0.77
N SER C 24 -5.64 -21.99 0.73
CA SER C 24 -4.19 -22.12 0.69
C SER C 24 -3.65 -22.70 2.00
N PRO C 25 -2.53 -23.41 1.96
CA PRO C 25 -2.06 -24.11 3.16
C PRO C 25 -1.59 -23.15 4.24
N HIS C 26 -1.51 -23.66 5.48
CA HIS C 26 -1.22 -22.82 6.63
C HIS C 26 -0.38 -23.51 7.72
N ILE C 27 -1.00 -24.34 8.56
CA ILE C 27 -0.24 -25.04 9.61
C ILE C 27 0.85 -25.90 9.01
N SER C 28 0.58 -26.51 7.85
CA SER C 28 1.55 -27.43 7.24
C SER C 28 2.74 -26.72 6.59
N ILE C 29 2.63 -25.42 6.34
CA ILE C 29 3.66 -24.67 5.61
C ILE C 29 4.28 -23.54 6.42
N TYR C 30 3.67 -23.12 7.54
CA TYR C 30 4.18 -21.97 8.27
C TYR C 30 5.34 -22.34 9.19
N LYS C 31 6.33 -21.45 9.27
CA LYS C 31 7.56 -21.75 9.98
C LYS C 31 7.39 -21.47 11.47
N TRP C 32 8.07 -22.27 12.28
CA TRP C 32 7.87 -22.22 13.72
C TRP C 32 8.70 -21.12 14.34
N SER C 33 8.25 -20.64 15.49
CA SER C 33 9.05 -19.78 16.35
C SER C 33 8.87 -20.21 17.79
N LEU C 34 9.75 -19.71 18.67
CA LEU C 34 9.59 -20.14 20.06
C LEU C 34 8.36 -19.49 20.69
N PRO C 35 8.10 -18.20 20.46
CA PRO C 35 6.82 -17.62 20.93
C PRO C 35 5.61 -18.43 20.50
N MET C 36 5.56 -18.86 19.24
CA MET C 36 4.42 -19.62 18.77
C MET C 36 4.31 -20.95 19.52
N ALA C 37 5.41 -21.70 19.55
CA ALA C 37 5.41 -22.99 20.24
C ALA C 37 5.04 -22.83 21.70
N MET C 38 5.44 -21.70 22.32
CA MET C 38 5.12 -21.41 23.70
C MET C 38 3.68 -20.98 23.92
N SER C 39 3.05 -20.43 22.88
CA SER C 39 1.64 -20.08 22.95
C SER C 39 0.78 -21.32 22.90
N ILE C 40 1.15 -22.27 22.05
CA ILE C 40 0.46 -23.54 21.96
C ILE C 40 0.55 -24.28 23.30
N THR C 41 1.75 -24.32 23.88
CA THR C 41 2.01 -24.99 25.14
C THR C 41 1.26 -24.34 26.31
N HIS C 42 1.05 -23.03 26.27
CA HIS C 42 0.25 -22.39 27.31
C HIS C 42 -1.21 -22.85 27.22
N ARG C 43 -1.70 -23.08 26.02
CA ARG C 43 -3.04 -23.60 25.87
C ARG C 43 -3.12 -25.04 26.32
N GLY C 44 -2.11 -25.83 25.95
CA GLY C 44 -2.12 -27.25 26.26
C GLY C 44 -1.96 -27.51 27.73
N THR C 45 -1.06 -26.79 28.40
CA THR C 45 -0.97 -26.95 29.86
C THR C 45 -2.20 -26.36 30.56
N GLY C 46 -2.77 -25.29 30.04
CA GLY C 46 -4.02 -24.79 30.63
C GLY C 46 -5.11 -25.84 30.62
N VAL C 47 -5.37 -26.41 29.44
CA VAL C 47 -6.39 -27.44 29.30
C VAL C 47 -6.01 -28.67 30.11
N ALA C 48 -4.73 -29.02 30.15
CA ALA C 48 -4.35 -30.21 30.90
C ALA C 48 -4.58 -30.01 32.40
N LEU C 49 -4.22 -28.84 32.92
CA LEU C 49 -4.46 -28.54 34.33
C LEU C 49 -5.95 -28.61 34.64
N SER C 50 -6.79 -27.99 33.80
CA SER C 50 -8.23 -28.01 34.02
C SER C 50 -8.77 -29.43 34.03
N LEU C 51 -8.41 -30.22 33.01
CA LEU C 51 -8.95 -31.56 32.94
C LEU C 51 -8.48 -32.42 34.11
N GLY C 52 -7.23 -32.22 34.56
CA GLY C 52 -6.76 -32.91 35.75
C GLY C 52 -7.47 -32.46 37.02
N VAL C 53 -7.76 -31.17 37.13
CA VAL C 53 -8.48 -30.67 38.29
C VAL C 53 -9.89 -31.24 38.33
N SER C 54 -10.48 -31.52 37.17
CA SER C 54 -11.83 -32.03 37.11
C SER C 54 -11.88 -33.53 37.31
N LEU C 55 -10.80 -34.23 36.96
CA LEU C 55 -10.71 -35.65 37.27
C LEU C 55 -10.59 -35.87 38.77
N PHE C 56 -9.68 -35.14 39.41
CA PHE C 56 -9.61 -35.16 40.87
C PHE C 56 -10.98 -34.95 41.50
N SER C 57 -11.71 -33.94 41.04
CA SER C 57 -13.02 -33.64 41.59
C SER C 57 -13.98 -34.79 41.39
N LEU C 58 -13.90 -35.46 40.23
CA LEU C 58 -14.81 -36.58 39.96
C LEU C 58 -14.43 -37.82 40.77
N ALA C 59 -13.12 -38.07 40.95
CA ALA C 59 -12.69 -39.13 41.84
C ALA C 59 -13.11 -38.86 43.28
N ALA C 60 -13.18 -37.58 43.67
CA ALA C 60 -13.66 -37.28 45.02
C ALA C 60 -15.12 -37.68 45.18
N LEU C 61 -15.92 -37.51 44.12
CA LEU C 61 -17.33 -37.82 44.21
C LEU C 61 -17.64 -39.30 44.02
N LEU C 62 -16.72 -40.08 43.46
CA LEU C 62 -17.08 -41.39 42.92
C LEU C 62 -16.23 -42.55 43.38
N LEU C 63 -14.99 -42.33 43.83
CA LEU C 63 -14.17 -43.43 44.27
C LEU C 63 -14.70 -44.01 45.59
N PRO C 64 -14.51 -45.31 45.82
CA PRO C 64 -15.08 -45.93 47.03
C PRO C 64 -14.37 -45.51 48.30
N GLU C 65 -13.09 -45.21 48.24
CA GLU C 65 -12.29 -44.85 49.40
C GLU C 65 -11.85 -43.39 49.31
N GLN C 66 -11.34 -42.88 50.42
CA GLN C 66 -10.88 -41.51 50.50
C GLN C 66 -9.38 -41.41 50.26
N PHE C 67 -8.89 -40.18 50.27
CA PHE C 67 -7.55 -39.86 49.76
C PHE C 67 -6.44 -40.57 50.53
N PRO C 68 -6.41 -40.56 51.88
CA PRO C 68 -5.24 -41.12 52.57
C PRO C 68 -5.03 -42.60 52.32
N HIS C 69 -6.09 -43.34 51.97
CA HIS C 69 -5.92 -44.74 51.57
C HIS C 69 -5.07 -44.84 50.32
N TYR C 70 -5.43 -44.10 49.27
CA TYR C 70 -4.69 -44.15 48.01
C TYR C 70 -3.27 -43.62 48.18
N VAL C 71 -3.03 -42.74 49.15
CA VAL C 71 -1.66 -42.37 49.48
C VAL C 71 -0.93 -43.51 50.18
N ALA C 72 -1.60 -44.16 51.14
CA ALA C 72 -0.97 -45.29 51.82
C ALA C 72 -0.71 -46.43 50.85
N VAL C 73 -1.66 -46.70 49.95
CA VAL C 73 -1.46 -47.67 48.87
C VAL C 73 -0.15 -47.41 48.14
N VAL C 74 0.07 -46.15 47.73
CA VAL C 74 1.25 -45.83 46.94
C VAL C 74 2.52 -45.90 47.78
N LYS C 75 2.44 -45.50 49.05
CA LYS C 75 3.61 -45.58 49.91
C LYS C 75 4.02 -47.03 50.14
N SER C 76 3.04 -47.94 50.21
CA SER C 76 3.35 -49.34 50.40
C SER C 76 4.06 -49.95 49.20
N LEU C 77 3.82 -49.41 48.00
CA LEU C 77 4.48 -49.93 46.81
C LEU C 77 5.99 -49.74 46.84
N SER C 78 6.51 -49.03 47.83
CA SER C 78 7.93 -48.72 47.96
C SER C 78 8.58 -48.46 46.60
N LEU C 79 8.12 -47.40 45.95
CA LEU C 79 8.61 -47.01 44.64
C LEU C 79 9.98 -46.36 44.76
N SER C 80 10.71 -46.37 43.64
CA SER C 80 12.06 -45.84 43.64
C SER C 80 12.03 -44.31 43.70
N PRO C 81 13.06 -43.69 44.30
CA PRO C 81 13.14 -42.22 44.29
C PRO C 81 13.15 -41.62 42.90
N ALA C 82 13.82 -42.28 41.94
CA ALA C 82 13.81 -41.81 40.57
C ALA C 82 12.40 -41.80 40.00
N LEU C 83 11.62 -42.84 40.28
CA LEU C 83 10.25 -42.90 39.78
C LEU C 83 9.34 -41.92 40.50
N ILE C 84 9.58 -41.70 41.79
CA ILE C 84 8.86 -40.66 42.52
C ILE C 84 9.22 -39.28 41.96
N TYR C 85 10.53 -39.01 41.81
CA TYR C 85 10.97 -37.72 41.30
C TYR C 85 10.43 -37.46 39.90
N SER C 86 10.49 -38.45 39.01
CA SER C 86 9.99 -38.25 37.65
C SER C 86 8.50 -37.97 37.62
N ALA C 87 7.73 -38.68 38.46
CA ALA C 87 6.29 -38.45 38.52
C ALA C 87 5.98 -37.05 39.05
N LYS C 88 6.64 -36.65 40.15
CA LYS C 88 6.43 -35.31 40.69
C LYS C 88 6.75 -34.24 39.65
N PHE C 89 7.90 -34.38 38.99
CA PHE C 89 8.30 -33.43 37.96
C PHE C 89 7.22 -33.34 36.88
N ALA C 90 6.78 -34.50 36.37
CA ALA C 90 5.72 -34.51 35.36
C ALA C 90 4.46 -33.84 35.85
N LEU C 91 4.21 -33.88 37.15
CA LEU C 91 2.97 -33.30 37.67
C LEU C 91 3.11 -31.80 37.83
N VAL C 92 4.23 -31.34 38.38
CA VAL C 92 4.37 -29.91 38.63
C VAL C 92 4.80 -29.14 37.37
N PHE C 93 5.40 -29.80 36.38
CA PHE C 93 5.91 -29.08 35.22
C PHE C 93 4.83 -28.30 34.47
N PRO C 94 3.66 -28.87 34.17
CA PRO C 94 2.64 -28.04 33.51
C PRO C 94 2.18 -26.90 34.36
N LEU C 95 1.97 -27.16 35.66
CA LEU C 95 1.58 -26.10 36.57
C LEU C 95 2.62 -25.00 36.58
N SER C 96 3.89 -25.40 36.56
CA SER C 96 4.98 -24.43 36.63
C SER C 96 5.02 -23.61 35.34
N TYR C 97 5.13 -24.28 34.20
CA TYR C 97 5.09 -23.59 32.91
C TYR C 97 3.95 -22.60 32.85
N HIS C 98 2.71 -23.09 33.03
CA HIS C 98 1.53 -22.26 32.86
C HIS C 98 1.52 -21.06 33.82
N THR C 99 1.99 -21.26 35.05
CA THR C 99 2.00 -20.15 36.00
C THR C 99 2.95 -19.03 35.56
N TRP C 100 4.20 -19.37 35.23
CA TRP C 100 5.14 -18.33 34.82
C TRP C 100 4.70 -17.68 33.51
N ASN C 101 4.34 -18.50 32.52
CA ASN C 101 3.86 -17.94 31.26
C ASN C 101 2.56 -17.19 31.46
N GLY C 102 1.74 -17.64 32.42
CA GLY C 102 0.61 -16.83 32.83
C GLY C 102 1.04 -15.46 33.33
N ILE C 103 2.12 -15.41 34.11
CA ILE C 103 2.62 -14.11 34.59
C ILE C 103 3.07 -13.24 33.41
N ARG C 104 3.75 -13.86 32.45
CA ARG C 104 4.21 -13.13 31.27
C ARG C 104 3.02 -12.57 30.48
N HIS C 105 1.91 -13.32 30.42
CA HIS C 105 0.68 -12.84 29.79
C HIS C 105 0.08 -11.65 30.55
N LEU C 106 0.12 -11.69 31.87
CA LEU C 106 -0.46 -10.59 32.65
C LEU C 106 0.36 -9.32 32.52
N VAL C 107 1.67 -9.46 32.26
CA VAL C 107 2.51 -8.33 31.90
C VAL C 107 2.09 -7.75 30.55
N TRP C 108 1.96 -8.61 29.54
CA TRP C 108 1.47 -8.19 28.23
C TRP C 108 0.16 -7.43 28.35
N ASP C 109 -0.75 -7.90 29.21
CA ASP C 109 -2.03 -7.20 29.38
C ASP C 109 -1.85 -5.79 29.96
N MET C 110 -0.68 -5.50 30.53
CA MET C 110 -0.35 -4.12 30.88
C MET C 110 0.24 -3.34 29.71
N GLY C 111 0.45 -3.97 28.55
CA GLY C 111 1.09 -3.32 27.43
C GLY C 111 2.61 -3.33 27.46
N LYS C 112 3.23 -4.08 28.37
CA LYS C 112 4.68 -4.16 28.51
C LYS C 112 5.20 -5.40 27.80
N GLY C 113 6.42 -5.32 27.25
CA GLY C 113 7.06 -6.47 26.68
C GLY C 113 6.71 -6.83 25.24
N PHE C 114 6.24 -5.86 24.43
CA PHE C 114 5.71 -6.20 23.11
C PHE C 114 6.73 -6.11 21.99
N LYS C 115 7.87 -5.46 22.19
CA LYS C 115 8.94 -5.53 21.21
C LYS C 115 9.31 -7.01 20.99
N LEU C 116 9.57 -7.38 19.73
CA LEU C 116 9.73 -8.81 19.43
C LEU C 116 10.90 -9.42 20.20
N SER C 117 12.01 -8.68 20.29
CA SER C 117 13.16 -9.19 21.03
C SER C 117 12.83 -9.34 22.52
N GLN C 118 11.89 -8.54 23.04
CA GLN C 118 11.45 -8.76 24.41
C GLN C 118 10.51 -9.97 24.51
N VAL C 119 9.77 -10.27 23.44
CA VAL C 119 8.96 -11.48 23.44
C VAL C 119 9.85 -12.70 23.50
N GLU C 120 11.00 -12.62 22.85
CA GLU C 120 11.92 -13.73 22.90
C GLU C 120 12.57 -13.84 24.28
N GLN C 121 12.95 -12.70 24.88
CA GLN C 121 13.62 -12.71 26.18
C GLN C 121 12.72 -13.28 27.27
N SER C 122 11.48 -12.79 27.35
CA SER C 122 10.57 -13.26 28.38
C SER C 122 10.16 -14.72 28.15
N GLY C 123 10.13 -15.17 26.89
CA GLY C 123 9.92 -16.58 26.64
C GLY C 123 11.00 -17.45 27.28
N VAL C 124 12.27 -17.14 26.98
CA VAL C 124 13.38 -17.89 27.55
C VAL C 124 13.42 -17.75 29.06
N VAL C 125 13.10 -16.56 29.59
CA VAL C 125 13.06 -16.41 31.04
C VAL C 125 11.99 -17.33 31.62
N VAL C 126 10.86 -17.48 30.93
CA VAL C 126 9.82 -18.41 31.38
C VAL C 126 10.35 -19.84 31.36
N LEU C 127 11.11 -20.20 30.31
CA LEU C 127 11.60 -21.57 30.21
C LEU C 127 12.52 -21.91 31.37
N ILE C 128 13.34 -20.95 31.80
CA ILE C 128 14.35 -21.34 32.77
C ILE C 128 13.74 -21.31 34.18
N LEU C 129 12.82 -20.38 34.44
CA LEU C 129 12.12 -20.41 35.72
C LEU C 129 11.25 -21.65 35.86
N THR C 130 10.62 -22.08 34.75
CA THR C 130 9.83 -23.31 34.75
C THR C 130 10.72 -24.52 35.05
N LEU C 131 11.89 -24.58 34.43
CA LEU C 131 12.76 -25.72 34.66
C LEU C 131 13.28 -25.73 36.09
N LEU C 132 13.61 -24.55 36.62
CA LEU C 132 14.21 -24.49 37.94
C LEU C 132 13.19 -24.80 39.02
N SER C 133 12.00 -24.23 38.90
CA SER C 133 10.96 -24.46 39.88
C SER C 133 10.50 -25.92 39.85
N SER C 134 10.43 -26.52 38.66
CA SER C 134 10.01 -27.91 38.59
C SER C 134 11.03 -28.84 39.25
N ALA C 135 12.30 -28.73 38.85
CA ALA C 135 13.34 -29.57 39.43
C ALA C 135 13.42 -29.38 40.94
N ALA C 136 13.27 -28.15 41.42
CA ALA C 136 13.36 -27.91 42.86
C ALA C 136 12.14 -28.49 43.58
N ILE C 137 10.94 -28.28 43.04
CA ILE C 137 9.75 -28.77 43.73
C ILE C 137 9.68 -30.30 43.68
N ALA C 138 10.13 -30.93 42.59
CA ALA C 138 10.10 -32.38 42.56
C ALA C 138 11.16 -33.01 43.47
N ALA C 139 12.08 -32.20 44.00
CA ALA C 139 13.07 -32.63 44.98
C ALA C 139 12.63 -32.34 46.41
N MET C 140 11.47 -31.71 46.60
CA MET C 140 10.94 -31.47 47.93
C MET C 140 10.16 -32.68 48.45
N SER D 2 -24.52 -5.59 31.10
CA SER D 2 -24.23 -4.28 30.51
C SER D 2 -23.85 -4.41 29.03
N SER D 3 -23.87 -3.29 28.31
CA SER D 3 -23.33 -3.26 26.96
C SER D 3 -21.82 -3.20 26.93
N LYS D 4 -21.16 -3.18 28.09
CA LYS D 4 -19.73 -3.42 28.20
C LYS D 4 -19.44 -4.83 28.67
N ALA D 5 -20.25 -5.80 28.26
CA ALA D 5 -20.11 -7.16 28.79
C ALA D 5 -18.77 -7.77 28.42
N ALA D 6 -18.31 -7.53 27.19
CA ALA D 6 -17.14 -8.24 26.69
C ALA D 6 -15.86 -7.76 27.38
N SER D 7 -15.73 -6.46 27.64
CA SER D 7 -14.52 -5.99 28.31
C SER D 7 -14.60 -6.19 29.82
N LEU D 8 -15.79 -6.19 30.41
CA LEU D 8 -15.89 -6.55 31.83
C LEU D 8 -15.46 -8.01 32.02
N HIS D 9 -15.79 -8.86 31.05
CA HIS D 9 -15.34 -10.24 31.10
C HIS D 9 -13.83 -10.35 31.00
N TRP D 10 -13.23 -9.67 30.01
CA TRP D 10 -11.78 -9.68 29.87
C TRP D 10 -11.11 -9.22 31.17
N THR D 11 -11.69 -8.22 31.82
CA THR D 11 -11.09 -7.73 33.06
C THR D 11 -11.24 -8.74 34.19
N SER D 12 -12.41 -9.39 34.28
CA SER D 12 -12.64 -10.43 35.28
C SER D 12 -11.70 -11.59 35.07
N GLU D 13 -11.51 -12.02 33.82
CA GLU D 13 -10.55 -13.07 33.57
C GLU D 13 -9.23 -12.74 34.23
N ARG D 14 -8.69 -11.55 33.95
CA ARG D 14 -7.39 -11.17 34.50
C ARG D 14 -7.42 -11.05 36.01
N ALA D 15 -8.53 -10.54 36.56
CA ALA D 15 -8.67 -10.44 38.01
C ALA D 15 -8.58 -11.82 38.66
N VAL D 16 -9.24 -12.81 38.07
CA VAL D 16 -9.32 -14.14 38.66
C VAL D 16 -8.00 -14.87 38.53
N SER D 17 -7.35 -14.74 37.36
CA SER D 17 -5.99 -15.27 37.19
C SER D 17 -5.04 -14.72 38.24
N ALA D 18 -5.13 -13.42 38.53
CA ALA D 18 -4.29 -12.80 39.54
C ALA D 18 -4.58 -13.36 40.93
N LEU D 19 -5.87 -13.48 41.25
CA LEU D 19 -6.30 -14.10 42.49
C LEU D 19 -5.65 -15.47 42.70
N LEU D 20 -5.70 -16.29 41.65
CA LEU D 20 -5.21 -17.66 41.72
C LEU D 20 -3.71 -17.69 41.89
N LEU D 21 -3.01 -16.78 41.21
CA LEU D 21 -1.60 -16.57 41.49
C LEU D 21 -1.37 -16.32 42.98
N GLY D 22 -2.14 -15.42 43.58
CA GLY D 22 -1.94 -15.09 44.99
C GLY D 22 -2.28 -16.23 45.92
N LEU D 23 -3.18 -17.13 45.50
CA LEU D 23 -3.51 -18.29 46.30
C LEU D 23 -2.38 -19.30 46.38
N LEU D 24 -1.48 -19.35 45.38
CA LEU D 24 -0.41 -20.35 45.44
C LEU D 24 0.55 -20.10 46.60
N PRO D 25 1.02 -18.87 46.85
CA PRO D 25 1.79 -18.66 48.09
C PRO D 25 0.92 -18.81 49.32
N ALA D 26 -0.33 -18.36 49.27
CA ALA D 26 -1.25 -18.53 50.39
C ALA D 26 -1.45 -19.99 50.75
N ALA D 27 -1.44 -20.89 49.76
CA ALA D 27 -1.61 -22.31 50.04
C ALA D 27 -0.36 -22.90 50.69
N TYR D 28 0.83 -22.47 50.24
CA TYR D 28 2.06 -22.98 50.83
C TYR D 28 2.30 -22.40 52.21
N LEU D 29 1.89 -21.15 52.42
CA LEU D 29 2.19 -20.42 53.65
C LEU D 29 1.13 -20.61 54.72
N TYR D 30 -0.15 -20.39 54.40
CA TYR D 30 -1.24 -20.55 55.38
C TYR D 30 -2.28 -21.55 54.87
N PRO D 31 -1.89 -22.82 54.74
CA PRO D 31 -2.83 -23.82 54.23
C PRO D 31 -3.96 -24.04 55.21
N GLY D 32 -5.16 -24.29 54.68
CA GLY D 32 -6.29 -24.50 55.53
C GLY D 32 -7.60 -24.24 54.85
N PRO D 33 -8.69 -24.37 55.60
CA PRO D 33 -10.04 -24.21 55.04
C PRO D 33 -10.24 -22.99 54.16
N ALA D 34 -9.68 -21.85 54.56
CA ALA D 34 -9.93 -20.62 53.82
C ALA D 34 -9.29 -20.69 52.43
N VAL D 35 -8.04 -21.14 52.34
CA VAL D 35 -7.37 -21.29 51.06
C VAL D 35 -7.96 -22.45 50.26
N ASP D 36 -8.39 -23.51 50.95
CA ASP D 36 -8.98 -24.67 50.27
C ASP D 36 -10.20 -24.25 49.45
N TYR D 37 -11.14 -23.55 50.08
CA TYR D 37 -12.35 -23.18 49.35
C TYR D 37 -12.11 -22.05 48.36
N SER D 38 -11.17 -21.14 48.65
CA SER D 38 -10.82 -20.11 47.66
C SER D 38 -10.16 -20.73 46.45
N LEU D 39 -9.31 -21.75 46.67
CA LEU D 39 -8.76 -22.49 45.54
C LEU D 39 -9.87 -23.21 44.78
N ALA D 40 -10.84 -23.79 45.50
CA ALA D 40 -11.97 -24.42 44.82
C ALA D 40 -12.70 -23.43 43.92
N ALA D 41 -12.96 -22.22 44.42
CA ALA D 41 -13.67 -21.24 43.61
C ALA D 41 -12.83 -20.75 42.43
N ALA D 42 -11.61 -20.31 42.69
CA ALA D 42 -10.77 -19.74 41.63
C ALA D 42 -10.39 -20.78 40.58
N LEU D 43 -9.96 -21.97 41.02
CA LEU D 43 -9.63 -23.04 40.08
C LEU D 43 -10.78 -23.31 39.13
N THR D 44 -12.02 -23.31 39.64
CA THR D 44 -13.15 -23.62 38.78
C THR D 44 -13.49 -22.45 37.87
N LEU D 45 -13.51 -21.23 38.42
CA LEU D 45 -13.84 -20.06 37.62
C LEU D 45 -12.80 -19.84 36.51
N HIS D 46 -11.51 -19.83 36.87
CA HIS D 46 -10.45 -19.67 35.88
C HIS D 46 -10.50 -20.74 34.80
N GLY D 47 -10.69 -22.00 35.19
CA GLY D 47 -10.73 -23.06 34.20
C GLY D 47 -11.96 -22.97 33.32
N HIS D 48 -13.06 -22.50 33.88
CA HIS D 48 -14.30 -22.42 33.13
C HIS D 48 -14.20 -21.36 32.03
N TRP D 49 -13.77 -20.16 32.42
CA TRP D 49 -13.59 -19.10 31.45
C TRP D 49 -12.55 -19.49 30.40
N GLY D 50 -11.42 -20.05 30.84
CA GLY D 50 -10.36 -20.45 29.92
C GLY D 50 -10.81 -21.49 28.90
N LEU D 51 -11.48 -22.56 29.36
CA LEU D 51 -12.03 -23.53 28.42
C LEU D 51 -13.11 -22.93 27.52
N GLY D 52 -13.77 -21.86 27.95
CA GLY D 52 -14.75 -21.21 27.07
C GLY D 52 -14.10 -20.37 25.97
N GLN D 53 -12.90 -19.86 26.23
CA GLN D 53 -12.10 -19.27 25.15
C GLN D 53 -11.68 -20.31 24.14
N VAL D 54 -11.29 -21.50 24.62
CA VAL D 54 -10.92 -22.58 23.70
C VAL D 54 -12.11 -22.94 22.82
N ILE D 55 -13.30 -23.05 23.42
CA ILE D 55 -14.49 -23.38 22.66
C ILE D 55 -14.83 -22.27 21.68
N THR D 56 -14.75 -21.01 22.13
CA THR D 56 -15.08 -19.90 21.25
C THR D 56 -14.17 -19.90 20.02
N ASP D 57 -12.88 -20.16 20.23
CA ASP D 57 -11.91 -20.21 19.13
C ASP D 57 -12.25 -21.31 18.13
N TYR D 58 -12.52 -22.54 18.61
CA TYR D 58 -12.43 -23.73 17.76
C TYR D 58 -13.77 -24.30 17.33
N VAL D 59 -14.85 -24.05 18.07
CA VAL D 59 -16.14 -24.66 17.78
C VAL D 59 -17.00 -23.66 17.00
N HIS D 60 -17.58 -24.09 15.88
CA HIS D 60 -18.36 -23.22 15.03
C HIS D 60 -19.70 -23.85 14.65
N GLY D 61 -20.69 -22.98 14.46
CA GLY D 61 -22.08 -23.38 14.26
C GLY D 61 -22.89 -23.18 15.52
N ASP D 62 -24.12 -22.67 15.39
CA ASP D 62 -24.93 -22.31 16.57
C ASP D 62 -25.17 -23.51 17.47
N THR D 63 -25.40 -24.69 16.89
CA THR D 63 -25.73 -25.86 17.69
C THR D 63 -24.49 -26.50 18.33
N PRO D 64 -23.39 -26.75 17.60
CA PRO D 64 -22.17 -27.23 18.29
C PRO D 64 -21.68 -26.27 19.38
N ILE D 65 -21.84 -24.96 19.16
CA ILE D 65 -21.42 -23.96 20.15
C ILE D 65 -22.23 -24.09 21.43
N LYS D 66 -23.56 -24.20 21.30
CA LYS D 66 -24.42 -24.34 22.47
C LYS D 66 -24.17 -25.66 23.16
N VAL D 67 -23.92 -26.73 22.39
CA VAL D 67 -23.65 -28.04 22.97
C VAL D 67 -22.33 -28.03 23.73
N ALA D 68 -21.27 -27.53 23.09
CA ALA D 68 -19.97 -27.45 23.76
C ALA D 68 -20.10 -26.69 25.07
N ASN D 69 -20.72 -25.51 25.03
CA ASN D 69 -20.81 -24.65 26.20
C ASN D 69 -21.68 -25.25 27.30
N THR D 70 -22.78 -25.92 26.92
CA THR D 70 -23.62 -26.53 27.95
C THR D 70 -22.88 -27.64 28.66
N GLY D 71 -22.16 -28.49 27.90
CA GLY D 71 -21.29 -29.47 28.53
C GLY D 71 -20.23 -28.84 29.41
N LEU D 72 -19.77 -27.64 29.04
CA LEU D 72 -18.74 -27.00 29.86
C LEU D 72 -19.30 -26.54 31.21
N TYR D 73 -20.54 -26.04 31.22
CA TYR D 73 -21.17 -25.70 32.50
C TYR D 73 -21.28 -26.94 33.39
N VAL D 74 -21.67 -28.07 32.79
CA VAL D 74 -21.82 -29.29 33.57
C VAL D 74 -20.47 -29.74 34.11
N LEU D 75 -19.43 -29.69 33.28
CA LEU D 75 -18.09 -30.04 33.78
C LEU D 75 -17.67 -29.12 34.91
N SER D 76 -17.85 -27.80 34.72
CA SER D 76 -17.44 -26.84 35.75
C SER D 76 -18.27 -26.98 37.03
N ALA D 77 -19.60 -27.07 36.89
CA ALA D 77 -20.45 -27.20 38.07
C ALA D 77 -20.11 -28.46 38.86
N ILE D 78 -19.92 -29.57 38.17
CA ILE D 78 -19.52 -30.78 38.86
C ILE D 78 -18.12 -30.64 39.45
N THR D 79 -17.23 -29.89 38.79
CA THR D 79 -15.88 -29.75 39.31
C THR D 79 -15.88 -28.95 40.62
N PHE D 80 -16.60 -27.82 40.65
CA PHE D 80 -16.61 -27.03 41.89
C PHE D 80 -17.29 -27.80 43.02
N THR D 81 -18.32 -28.57 42.68
CA THR D 81 -19.04 -29.38 43.66
C THR D 81 -18.12 -30.42 44.30
N GLY D 82 -17.40 -31.16 43.47
CA GLY D 82 -16.49 -32.16 43.98
C GLY D 82 -15.34 -31.59 44.78
N LEU D 83 -14.83 -30.41 44.40
CA LEU D 83 -13.74 -29.82 45.18
C LEU D 83 -14.23 -29.33 46.53
N CYS D 84 -15.46 -28.82 46.59
CA CYS D 84 -16.03 -28.49 47.89
C CYS D 84 -16.31 -29.74 48.71
N TYR D 85 -16.85 -30.78 48.05
CA TYR D 85 -17.00 -32.06 48.72
C TYR D 85 -15.69 -32.49 49.33
N PHE D 86 -14.64 -32.50 48.51
CA PHE D 86 -13.33 -32.94 48.99
C PHE D 86 -12.87 -32.09 50.17
N ASN D 87 -13.13 -30.78 50.12
CA ASN D 87 -12.70 -29.90 51.22
C ASN D 87 -13.52 -30.14 52.49
N TYR D 88 -14.78 -30.51 52.37
CA TYR D 88 -15.59 -30.66 53.57
C TYR D 88 -15.43 -32.04 54.21
N TYR D 89 -15.43 -33.09 53.39
CA TYR D 89 -15.53 -34.47 53.86
C TYR D 89 -14.19 -35.18 53.90
N ASP D 90 -13.26 -34.75 53.07
CA ASP D 90 -11.92 -35.28 53.06
C ASP D 90 -10.96 -34.20 53.60
N VAL D 91 -9.66 -34.39 53.36
CA VAL D 91 -8.62 -33.54 53.96
C VAL D 91 -8.48 -32.16 53.34
N GLY D 92 -9.09 -31.89 52.18
CA GLY D 92 -8.97 -30.59 51.56
C GLY D 92 -7.72 -30.44 50.68
N ILE D 93 -7.72 -29.37 49.88
CA ILE D 93 -6.76 -29.26 48.78
C ILE D 93 -5.33 -29.16 49.30
N CYS D 94 -5.07 -28.22 50.20
CA CYS D 94 -3.70 -28.00 50.66
C CYS D 94 -3.14 -29.26 51.31
N LYS D 95 -3.91 -29.87 52.22
CA LYS D 95 -3.44 -31.07 52.90
C LYS D 95 -3.22 -32.21 51.91
N ALA D 96 -4.10 -32.36 50.91
CA ALA D 96 -3.93 -33.42 49.93
C ALA D 96 -2.60 -33.30 49.18
N VAL D 97 -2.19 -32.07 48.85
CA VAL D 97 -0.95 -31.89 48.10
C VAL D 97 0.26 -32.22 48.97
N ALA D 98 0.25 -31.76 50.22
CA ALA D 98 1.28 -32.13 51.19
C ALA D 98 1.40 -33.64 51.30
N MET D 99 0.28 -34.33 51.47
CA MET D 99 0.35 -35.78 51.63
C MET D 99 0.90 -36.45 50.39
N LEU D 100 0.46 -36.01 49.21
CA LEU D 100 1.01 -36.54 47.96
C LEU D 100 2.51 -36.31 47.90
N TRP D 101 2.97 -35.12 48.28
CA TRP D 101 4.37 -34.80 48.15
C TRP D 101 5.24 -35.45 49.22
N SER D 102 4.65 -36.09 50.22
CA SER D 102 5.42 -36.84 51.19
C SER D 102 5.56 -38.30 50.79
N ILE D 103 4.95 -38.72 49.67
CA ILE D 103 5.14 -40.07 49.18
C ILE D 103 6.61 -40.33 48.91
#